data_7MJ0
#
_entry.id   7MJ0
#
_cell.length_a   121.284
_cell.length_b   121.284
_cell.length_c   213.406
_cell.angle_alpha   90.000
_cell.angle_beta   90.000
_cell.angle_gamma   90.000
#
_symmetry.space_group_name_H-M   'P 4 21 2'
#
loop_
_entity.id
_entity.type
_entity.pdbx_description
1 polymer 'Pyridinium-3,5-biscarboxylic acid mononucleotide synthase'
2 non-polymer 'ADENOSINE MONOPHOSPHATE'
3 non-polymer 'MAGNESIUM ION'
#
_entity_poly.entity_id   1
_entity_poly.type   'polypeptide(L)'
_entity_poly.pdbx_seq_one_letter_code
;MATTAEILQQVAAGQLSPTAAAQQLEAGKTAALGFANVDLDRQRRNGFPEVIYGAGKTATQIVGIVQALSQQTLPILTTR
LSAEKFAALQPALPTAVYHATAQCMTVGEQPAPKTPGYIAVVTAGTSDQPVAEEAAVTAETFGNRVERVYDVGVAGIHRL
FAKLDVIRGARVVIVIAGMEGALASVVGGLVDKPVIAVPTSVGYGTSFQGMTALLTMLNSCASGITVVNIDNGFGAAYSA
SMVNQMASWSHPQFEK
;
_entity_poly.pdbx_strand_id   A,B,C,D,E,F
#
# COMPACT_ATOMS: atom_id res chain seq x y z
N ARG A 44 -34.94 24.54 4.47
CA ARG A 44 -35.91 25.64 4.35
C ARG A 44 -35.25 26.85 3.66
N ARG A 45 -34.65 27.71 4.49
CA ARG A 45 -33.96 28.91 4.02
C ARG A 45 -32.59 28.56 3.47
N ASN A 46 -32.59 27.92 2.30
CA ASN A 46 -31.39 27.54 1.58
C ASN A 46 -30.99 28.58 0.52
N GLY A 47 -31.68 29.72 0.47
CA GLY A 47 -31.29 30.79 -0.43
C GLY A 47 -31.82 30.69 -1.85
N PHE A 48 -32.81 29.84 -2.09
CA PHE A 48 -33.35 29.62 -3.42
C PHE A 48 -34.73 30.23 -3.58
N PRO A 49 -35.05 30.76 -4.77
CA PRO A 49 -36.44 31.17 -5.06
C PRO A 49 -37.42 30.01 -5.07
N GLU A 50 -38.62 30.26 -5.58
CA GLU A 50 -39.69 29.28 -5.65
C GLU A 50 -40.00 28.97 -7.10
N VAL A 51 -40.18 27.70 -7.45
CA VAL A 51 -40.29 27.31 -8.85
C VAL A 51 -41.55 26.46 -9.06
N ILE A 52 -42.59 27.08 -9.65
CA ILE A 52 -43.84 26.42 -10.01
C ILE A 52 -43.80 25.95 -11.46
N TYR A 53 -43.96 24.64 -11.66
CA TYR A 53 -44.15 24.04 -12.97
C TYR A 53 -45.45 24.58 -13.57
N GLY A 54 -45.37 25.77 -14.15
CA GLY A 54 -46.56 26.41 -14.68
C GLY A 54 -47.12 25.82 -15.95
N ALA A 55 -46.78 24.59 -16.28
CA ALA A 55 -47.23 24.06 -17.56
C ALA A 55 -48.64 23.47 -17.45
N GLY A 56 -48.83 22.57 -16.48
CA GLY A 56 -50.12 21.94 -16.34
C GLY A 56 -51.09 22.67 -15.45
N LYS A 57 -50.62 23.71 -14.75
CA LYS A 57 -51.43 24.40 -13.77
C LYS A 57 -52.23 25.51 -14.44
N THR A 58 -53.41 25.78 -13.87
CA THR A 58 -54.32 26.74 -14.48
C THR A 58 -53.97 28.16 -14.06
N ALA A 59 -54.28 29.11 -14.94
CA ALA A 59 -54.10 30.52 -14.61
C ALA A 59 -54.80 30.87 -13.30
N THR A 60 -56.06 30.43 -13.14
CA THR A 60 -56.73 30.66 -11.87
C THR A 60 -55.97 30.04 -10.71
N GLN A 61 -55.20 28.99 -10.96
CA GLN A 61 -54.47 28.34 -9.88
C GLN A 61 -53.15 29.02 -9.57
N ILE A 62 -52.44 29.49 -10.59
CA ILE A 62 -51.11 30.08 -10.37
C ILE A 62 -51.21 31.32 -9.48
N VAL A 63 -52.23 32.15 -9.69
CA VAL A 63 -52.50 33.21 -8.71
C VAL A 63 -52.65 32.59 -7.32
N GLY A 64 -53.44 31.51 -7.23
CA GLY A 64 -53.65 30.88 -5.94
C GLY A 64 -52.39 30.33 -5.31
N ILE A 65 -51.45 29.85 -6.12
CA ILE A 65 -50.19 29.35 -5.60
C ILE A 65 -49.26 30.51 -5.24
N VAL A 66 -49.20 31.53 -6.11
CA VAL A 66 -48.38 32.71 -5.83
C VAL A 66 -48.86 33.40 -4.56
N GLN A 67 -50.15 33.72 -4.50
CA GLN A 67 -50.73 34.46 -3.38
C GLN A 67 -50.69 33.68 -2.08
N ALA A 68 -50.44 32.37 -2.15
CA ALA A 68 -50.25 31.59 -0.94
C ALA A 68 -48.87 31.83 -0.35
N LEU A 69 -47.83 31.72 -1.18
CA LEU A 69 -46.46 32.00 -0.78
C LEU A 69 -46.06 33.45 -1.01
N SER A 70 -47.03 34.33 -1.25
CA SER A 70 -46.70 35.73 -1.52
C SER A 70 -46.22 36.45 -0.27
N GLN A 71 -46.64 35.99 0.92
CA GLN A 71 -46.17 36.61 2.14
C GLN A 71 -44.74 36.21 2.46
N GLN A 72 -44.35 35.00 2.09
CA GLN A 72 -42.99 34.54 2.38
C GLN A 72 -42.05 34.87 1.22
N THR A 73 -40.75 34.85 1.53
CA THR A 73 -39.68 35.16 0.56
C THR A 73 -39.85 36.51 -0.12
N PRO A 75 -38.03 35.85 -4.29
CA PRO A 75 -38.64 35.97 -5.62
C PRO A 75 -39.33 34.68 -6.04
N ILE A 76 -40.38 34.83 -6.84
CA ILE A 76 -41.23 33.72 -7.25
C ILE A 76 -41.16 33.67 -8.78
N LEU A 77 -40.53 32.62 -9.31
CA LEU A 77 -40.33 32.42 -10.73
C LEU A 77 -41.20 31.26 -11.19
N THR A 78 -41.87 31.44 -12.32
CA THR A 78 -42.77 30.44 -12.87
C THR A 78 -42.31 30.12 -14.28
N THR A 79 -42.15 28.84 -14.58
CA THR A 79 -41.54 28.40 -15.83
C THR A 79 -42.56 27.67 -16.69
N ARG A 80 -42.43 27.84 -18.00
CA ARG A 80 -43.40 27.36 -18.97
C ARG A 80 -44.78 27.98 -18.70
N LEU A 81 -44.81 29.30 -18.76
CA LEU A 81 -46.04 30.07 -18.57
C LEU A 81 -46.45 30.66 -19.91
N SER A 82 -47.53 30.14 -20.48
CA SER A 82 -47.92 30.57 -21.82
C SER A 82 -48.26 32.06 -21.84
N ALA A 83 -48.24 32.64 -23.03
CA ALA A 83 -48.67 34.02 -23.17
C ALA A 83 -50.18 34.17 -22.96
N GLU A 84 -50.95 33.10 -23.18
CA GLU A 84 -52.38 33.14 -22.89
C GLU A 84 -52.66 33.08 -21.39
N LYS A 85 -51.74 32.51 -20.61
CA LYS A 85 -51.93 32.46 -19.16
C LYS A 85 -51.44 33.72 -18.46
N PHE A 86 -50.44 34.42 -19.00
CA PHE A 86 -49.96 35.63 -18.33
C PHE A 86 -50.94 36.77 -18.50
N ALA A 87 -51.60 36.84 -19.66
CA ALA A 87 -52.62 37.86 -19.85
C ALA A 87 -53.74 37.70 -18.84
N ALA A 88 -54.21 36.46 -18.63
CA ALA A 88 -55.29 36.16 -17.70
C ALA A 88 -54.90 36.44 -16.24
N LEU A 89 -53.62 36.56 -15.95
CA LEU A 89 -53.14 36.83 -14.61
C LEU A 89 -52.62 38.24 -14.44
N GLN A 90 -52.37 38.96 -15.53
CA GLN A 90 -51.73 40.28 -15.48
C GLN A 90 -52.35 41.19 -14.44
N PRO A 91 -53.72 41.33 -14.35
CA PRO A 91 -54.28 42.18 -13.30
C PRO A 91 -54.41 41.50 -11.95
N ALA A 92 -54.52 40.17 -11.91
CA ALA A 92 -54.65 39.48 -10.62
C ALA A 92 -53.34 39.47 -9.83
N LEU A 93 -52.19 39.49 -10.52
CA LEU A 93 -50.88 39.60 -9.88
C LEU A 93 -50.11 40.73 -10.56
N PRO A 94 -50.51 41.98 -10.31
CA PRO A 94 -50.07 43.09 -11.16
C PRO A 94 -48.64 43.55 -10.95
N THR A 95 -47.87 42.90 -10.08
CA THR A 95 -46.45 43.21 -9.97
C THR A 95 -45.57 42.36 -10.89
N ALA A 96 -46.00 41.14 -11.22
CA ALA A 96 -45.16 40.21 -11.95
C ALA A 96 -44.71 40.79 -13.29
N VAL A 97 -43.50 40.41 -13.69
CA VAL A 97 -42.99 40.70 -15.02
C VAL A 97 -43.16 39.44 -15.85
N TYR A 98 -43.02 39.58 -17.18
CA TYR A 98 -43.13 38.45 -18.10
C TYR A 98 -42.09 38.61 -19.19
N HIS A 99 -41.27 37.59 -19.35
CA HIS A 99 -40.25 37.53 -20.40
C HIS A 99 -40.86 36.73 -21.55
N ALA A 100 -41.24 37.43 -22.61
CA ALA A 100 -42.04 36.80 -23.66
C ALA A 100 -41.31 35.60 -24.25
N THR A 101 -40.09 35.84 -24.73
CA THR A 101 -39.38 34.81 -25.44
C THR A 101 -39.06 33.63 -24.52
N ALA A 102 -38.96 33.87 -23.22
CA ALA A 102 -38.59 32.88 -22.22
C ALA A 102 -39.76 32.10 -21.66
N GLN A 103 -40.97 32.60 -21.86
CA GLN A 103 -42.16 32.09 -21.18
C GLN A 103 -41.89 31.89 -19.69
N CYS A 104 -41.41 32.95 -19.04
CA CYS A 104 -41.24 32.97 -17.59
C CYS A 104 -41.81 34.24 -17.00
N MET A 105 -42.57 34.10 -15.91
CA MET A 105 -42.99 35.25 -15.12
C MET A 105 -42.26 35.24 -13.80
N THR A 106 -41.89 36.43 -13.35
CA THR A 106 -41.29 36.65 -12.05
C THR A 106 -42.14 37.65 -11.26
N VAL A 107 -42.65 37.22 -10.11
CA VAL A 107 -43.28 38.11 -9.16
C VAL A 107 -42.32 38.28 -7.98
N GLY A 108 -41.86 39.52 -7.76
CA GLY A 108 -40.79 39.81 -6.84
C GLY A 108 -39.59 40.43 -7.54
N GLU A 109 -38.60 40.79 -6.72
CA GLU A 109 -37.44 41.57 -7.18
C GLU A 109 -36.25 40.64 -7.40
N GLN A 110 -35.77 40.56 -8.65
CA GLN A 110 -34.57 39.78 -8.94
C GLN A 110 -33.39 40.34 -8.16
N PRO A 111 -32.63 39.51 -7.46
CA PRO A 111 -31.49 40.02 -6.70
C PRO A 111 -30.37 40.50 -7.60
N ALA A 112 -29.52 41.31 -7.01
CA ALA A 112 -28.27 41.67 -7.65
C ALA A 112 -27.28 40.52 -7.53
N PRO A 113 -26.34 40.41 -8.48
CA PRO A 113 -25.35 39.34 -8.42
C PRO A 113 -24.63 39.26 -7.07
N LYS A 114 -24.92 38.15 -6.41
CA LYS A 114 -24.30 37.80 -5.15
C LYS A 114 -22.91 37.17 -5.34
N THR A 115 -22.54 36.84 -6.58
CA THR A 115 -21.24 36.30 -6.93
C THR A 115 -20.54 37.23 -7.92
N PRO A 116 -19.24 37.48 -7.75
CA PRO A 116 -18.56 38.41 -8.68
C PRO A 116 -18.49 37.93 -10.12
N GLY A 117 -18.48 36.61 -10.37
CA GLY A 117 -18.38 36.10 -11.71
C GLY A 117 -19.73 36.01 -12.43
N TYR A 118 -19.69 35.37 -13.61
CA TYR A 118 -20.88 35.29 -14.46
C TYR A 118 -21.00 33.90 -15.06
N ILE A 119 -22.19 33.62 -15.58
CA ILE A 119 -22.53 32.37 -16.22
C ILE A 119 -22.63 32.65 -17.72
N ALA A 120 -21.95 31.88 -18.53
CA ALA A 120 -22.08 32.00 -19.98
C ALA A 120 -23.18 31.07 -20.46
N VAL A 121 -24.18 31.65 -21.10
CA VAL A 121 -25.22 30.92 -21.81
C VAL A 121 -24.88 31.04 -23.29
N VAL A 122 -24.65 29.91 -23.94
CA VAL A 122 -24.13 29.87 -25.30
C VAL A 122 -25.11 29.11 -26.19
N THR A 123 -25.55 29.75 -27.26
CA THR A 123 -26.62 29.23 -28.10
C THR A 123 -26.07 28.91 -29.48
N ALA A 124 -26.50 27.81 -30.07
CA ALA A 124 -26.01 27.47 -31.40
C ALA A 124 -26.79 28.18 -32.50
N GLY A 125 -28.11 28.27 -32.39
CA GLY A 125 -28.91 28.97 -33.38
C GLY A 125 -30.03 29.77 -32.76
N THR A 126 -30.56 30.69 -33.56
CA THR A 126 -31.65 31.56 -33.08
C THR A 126 -32.87 30.75 -32.63
N SER A 127 -33.11 29.59 -33.23
CA SER A 127 -34.27 28.81 -32.82
C SER A 127 -34.14 28.31 -31.38
N ASP A 128 -32.92 28.27 -30.85
CA ASP A 128 -32.66 27.84 -29.49
C ASP A 128 -32.98 28.89 -28.44
N GLN A 129 -33.33 30.09 -28.86
CA GLN A 129 -33.34 31.19 -27.91
C GLN A 129 -34.41 31.12 -26.83
N PRO A 130 -35.67 30.68 -27.13
CA PRO A 130 -36.62 30.43 -26.02
C PRO A 130 -36.04 29.56 -24.90
N VAL A 131 -35.46 28.41 -25.19
CA VAL A 131 -35.04 27.64 -24.03
C VAL A 131 -33.82 28.30 -23.39
N ALA A 132 -33.08 29.09 -24.19
CA ALA A 132 -31.94 29.85 -23.68
C ALA A 132 -32.36 30.90 -22.67
N GLU A 133 -33.43 31.64 -22.97
CA GLU A 133 -33.90 32.66 -22.05
C GLU A 133 -34.59 32.07 -20.82
N GLU A 134 -35.18 30.87 -20.96
CA GLU A 134 -35.60 30.14 -19.77
C GLU A 134 -34.42 29.85 -18.85
N ALA A 135 -33.25 29.56 -19.41
CA ALA A 135 -32.08 29.37 -18.57
C ALA A 135 -31.57 30.70 -18.07
N ALA A 136 -31.44 31.65 -18.98
CA ALA A 136 -30.79 32.90 -18.61
C ALA A 136 -31.65 33.69 -17.61
N VAL A 137 -32.97 33.58 -17.71
CA VAL A 137 -33.83 34.26 -16.75
C VAL A 137 -33.87 33.53 -15.40
N THR A 138 -33.83 32.18 -15.40
CA THR A 138 -33.76 31.55 -14.08
C THR A 138 -32.40 31.74 -13.46
N ALA A 139 -31.33 31.82 -14.25
CA ALA A 139 -30.04 32.07 -13.63
C ALA A 139 -29.97 33.47 -13.05
N GLU A 140 -30.54 34.45 -13.76
CA GLU A 140 -30.61 35.81 -13.23
C GLU A 140 -31.56 35.90 -12.04
N THR A 141 -32.70 35.20 -12.08
CA THR A 141 -33.59 35.21 -10.93
C THR A 141 -32.93 34.58 -9.71
N PHE A 142 -32.06 33.60 -9.89
CA PHE A 142 -31.40 33.03 -8.72
C PHE A 142 -30.17 33.82 -8.27
N GLY A 143 -29.89 34.99 -8.84
CA GLY A 143 -28.83 35.84 -8.33
C GLY A 143 -27.53 35.81 -9.10
N ASN A 144 -27.50 35.28 -10.32
CA ASN A 144 -26.27 35.14 -11.07
C ASN A 144 -26.18 36.18 -12.17
N ARG A 145 -25.00 36.75 -12.37
CA ARG A 145 -24.77 37.51 -13.59
C ARG A 145 -24.72 36.57 -14.78
N VAL A 146 -25.28 36.99 -15.91
CA VAL A 146 -25.34 36.12 -17.08
C VAL A 146 -24.90 36.86 -18.32
N GLU A 147 -23.94 36.28 -19.03
CA GLU A 147 -23.44 36.79 -20.30
C GLU A 147 -23.94 35.85 -21.38
N ARG A 148 -24.70 36.39 -22.33
CA ARG A 148 -25.37 35.60 -23.36
C ARG A 148 -24.48 35.58 -24.61
N VAL A 149 -24.31 34.42 -25.22
CA VAL A 149 -23.56 34.31 -26.48
C VAL A 149 -24.44 33.51 -27.43
N TYR A 150 -25.34 34.20 -28.12
CA TYR A 150 -26.31 33.49 -28.91
C TYR A 150 -25.83 33.34 -30.34
N ASP A 151 -26.48 32.42 -31.06
CA ASP A 151 -26.22 32.13 -32.46
C ASP A 151 -24.73 32.03 -32.79
N VAL A 152 -24.02 31.08 -32.23
CA VAL A 152 -22.67 30.83 -32.73
C VAL A 152 -22.46 29.35 -33.05
N GLY A 153 -23.47 28.72 -33.65
CA GLY A 153 -23.39 27.33 -34.03
C GLY A 153 -22.24 27.01 -34.98
N VAL A 154 -21.89 25.72 -34.98
CA VAL A 154 -20.78 25.16 -35.73
C VAL A 154 -20.92 25.37 -37.23
N ALA A 155 -22.12 25.58 -37.76
CA ALA A 155 -22.18 25.79 -39.21
C ALA A 155 -21.52 27.09 -39.61
N GLY A 156 -21.25 28.00 -38.66
CA GLY A 156 -20.32 29.08 -38.88
C GLY A 156 -19.34 29.22 -37.74
N ILE A 157 -18.37 28.32 -37.60
CA ILE A 157 -17.64 28.17 -36.35
C ILE A 157 -16.73 29.36 -36.03
N HIS A 158 -16.52 30.27 -36.97
CA HIS A 158 -15.75 31.46 -36.66
C HIS A 158 -16.48 32.33 -35.65
N ARG A 159 -17.81 32.33 -35.70
CA ARG A 159 -18.59 33.11 -34.76
C ARG A 159 -18.34 32.67 -33.32
N LEU A 160 -18.10 31.37 -33.12
CA LEU A 160 -17.83 30.89 -31.78
C LEU A 160 -16.42 31.24 -31.36
N PHE A 161 -15.45 31.12 -32.26
CA PHE A 161 -14.10 31.53 -31.89
C PHE A 161 -14.03 33.03 -31.60
N ALA A 162 -14.93 33.82 -32.19
CA ALA A 162 -15.00 35.26 -31.92
C ALA A 162 -15.29 35.55 -30.46
N LYS A 163 -16.16 34.76 -29.81
CA LYS A 163 -16.49 34.96 -28.41
C LYS A 163 -15.79 33.95 -27.51
N LEU A 164 -14.77 33.27 -28.00
CA LEU A 164 -14.29 32.10 -27.27
C LEU A 164 -13.71 32.45 -25.91
N ASP A 165 -13.26 33.69 -25.71
CA ASP A 165 -12.68 34.04 -24.42
C ASP A 165 -13.75 34.41 -23.40
N VAL A 166 -14.80 35.13 -23.84
CA VAL A 166 -15.97 35.42 -22.98
C VAL A 166 -16.49 34.14 -22.36
N ILE A 167 -16.62 33.10 -23.17
CA ILE A 167 -17.04 31.81 -22.64
C ILE A 167 -16.07 31.35 -21.57
N ARG A 168 -14.78 31.43 -21.86
CA ARG A 168 -13.76 30.92 -20.93
C ARG A 168 -13.76 31.71 -19.62
N GLY A 169 -14.06 33.00 -19.67
CA GLY A 169 -14.13 33.80 -18.44
C GLY A 169 -15.36 33.61 -17.57
N ALA A 170 -16.30 32.76 -17.97
CA ALA A 170 -17.40 32.40 -17.12
C ALA A 170 -16.98 31.31 -16.15
N ARG A 171 -17.70 31.21 -15.05
CA ARG A 171 -17.40 30.18 -14.06
C ARG A 171 -18.07 28.88 -14.44
N VAL A 172 -19.22 28.98 -15.09
CA VAL A 172 -19.92 27.84 -15.67
C VAL A 172 -20.36 28.26 -17.07
N VAL A 173 -20.57 27.27 -17.92
CA VAL A 173 -21.01 27.52 -19.28
C VAL A 173 -22.23 26.66 -19.50
N ILE A 174 -23.32 27.25 -19.99
CA ILE A 174 -24.46 26.49 -20.47
C ILE A 174 -24.40 26.51 -22.01
N VAL A 175 -24.36 25.33 -22.64
CA VAL A 175 -24.36 25.20 -24.09
C VAL A 175 -25.71 24.64 -24.49
N ILE A 176 -26.43 25.37 -25.33
CA ILE A 176 -27.76 24.99 -25.82
C ILE A 176 -27.68 24.77 -27.33
N ALA A 177 -28.30 23.71 -27.81
CA ALA A 177 -28.26 23.49 -29.26
C ALA A 177 -29.35 22.50 -29.67
N GLY A 178 -29.75 22.62 -30.92
CA GLY A 178 -30.62 21.63 -31.53
C GLY A 178 -29.96 20.85 -32.67
N MET A 179 -30.82 20.19 -33.44
CA MET A 179 -30.41 19.38 -34.57
C MET A 179 -29.21 18.50 -34.24
N GLU A 180 -28.04 18.92 -34.73
CA GLU A 180 -26.80 18.14 -34.62
C GLU A 180 -26.36 17.98 -33.17
N GLY A 181 -26.50 19.02 -32.34
CA GLY A 181 -25.97 19.04 -30.99
C GLY A 181 -24.48 19.26 -30.92
N ALA A 182 -23.83 19.39 -32.09
CA ALA A 182 -22.37 19.41 -32.14
C ALA A 182 -21.75 20.42 -31.18
N LEU A 183 -22.42 21.56 -30.94
CA LEU A 183 -21.75 22.69 -30.32
C LEU A 183 -21.21 22.35 -28.94
N ALA A 184 -21.92 21.52 -28.17
CA ALA A 184 -21.46 21.20 -26.81
C ALA A 184 -20.15 20.43 -26.85
N SER A 185 -20.02 19.46 -27.76
CA SER A 185 -18.73 18.82 -27.99
C SER A 185 -17.64 19.85 -28.20
N VAL A 186 -17.86 20.77 -29.13
CA VAL A 186 -16.83 21.74 -29.50
C VAL A 186 -16.39 22.56 -28.28
N VAL A 187 -17.36 23.14 -27.55
CA VAL A 187 -17.02 23.97 -26.41
C VAL A 187 -16.38 23.15 -25.29
N GLY A 188 -16.92 21.96 -25.05
CA GLY A 188 -16.38 21.15 -23.96
C GLY A 188 -14.89 20.91 -24.12
N GLY A 189 -14.45 20.66 -25.37
CA GLY A 189 -13.04 20.51 -25.66
C GLY A 189 -12.22 21.78 -25.52
N LEU A 190 -12.87 22.95 -25.52
CA LEU A 190 -12.17 24.22 -25.61
C LEU A 190 -12.20 25.06 -24.34
N VAL A 191 -13.04 24.75 -23.37
CA VAL A 191 -13.00 25.46 -22.10
C VAL A 191 -12.74 24.44 -21.01
N ASP A 192 -12.20 24.93 -19.90
CA ASP A 192 -11.87 24.09 -18.76
C ASP A 192 -12.61 24.54 -17.52
N LYS A 193 -13.83 24.97 -17.72
CA LYS A 193 -14.83 25.21 -16.71
C LYS A 193 -15.97 24.21 -16.91
N PRO A 194 -16.77 23.97 -15.87
CA PRO A 194 -17.90 23.05 -16.04
C PRO A 194 -18.81 23.50 -17.15
N VAL A 195 -19.22 22.57 -18.01
CA VAL A 195 -20.14 22.84 -19.10
C VAL A 195 -21.39 22.02 -18.88
N ILE A 196 -22.53 22.67 -18.82
CA ILE A 196 -23.82 22.00 -18.79
C ILE A 196 -24.49 22.22 -20.15
N ALA A 197 -24.89 21.13 -20.80
CA ALA A 197 -25.39 21.16 -22.16
C ALA A 197 -26.86 20.78 -22.16
N VAL A 198 -27.68 21.61 -22.81
CA VAL A 198 -29.13 21.44 -22.95
C VAL A 198 -29.41 21.10 -24.41
N PRO A 199 -29.85 19.89 -24.72
CA PRO A 199 -30.44 19.66 -26.06
C PRO A 199 -31.80 20.34 -26.17
N THR A 200 -32.14 20.75 -27.39
CA THR A 200 -33.45 21.35 -27.65
C THR A 200 -34.18 20.54 -28.73
N SER A 201 -35.48 20.78 -28.83
CA SER A 201 -36.34 20.10 -29.79
C SER A 201 -36.67 21.01 -30.96
N VAL A 202 -35.65 21.39 -31.72
CA VAL A 202 -35.89 22.25 -32.86
C VAL A 202 -35.24 21.62 -34.09
N GLY A 203 -35.78 21.93 -35.26
CA GLY A 203 -35.42 21.18 -36.43
C GLY A 203 -36.60 20.33 -36.85
N TYR A 204 -36.35 19.09 -37.28
CA TYR A 204 -37.34 18.35 -38.02
C TYR A 204 -36.81 16.95 -38.32
N GLY A 205 -37.66 16.14 -38.95
CA GLY A 205 -37.27 14.81 -39.36
C GLY A 205 -36.76 14.04 -38.17
N THR A 206 -35.68 13.26 -38.40
CA THR A 206 -34.99 12.45 -37.36
C THR A 206 -34.34 13.29 -36.28
N SER A 207 -34.64 14.58 -36.08
CA SER A 207 -34.35 15.19 -34.79
C SER A 207 -35.03 14.44 -33.66
N PHE A 208 -36.14 13.75 -33.95
CA PHE A 208 -36.87 13.05 -32.91
C PHE A 208 -37.19 13.99 -31.75
N GLN A 209 -37.59 15.22 -32.09
CA GLN A 209 -37.83 16.30 -31.14
C GLN A 209 -36.81 16.33 -30.01
N GLY A 210 -35.55 16.42 -30.38
CA GLY A 210 -34.50 16.65 -29.40
C GLY A 210 -33.65 15.44 -29.09
N MET A 211 -34.04 14.26 -29.56
CA MET A 211 -33.33 13.06 -29.16
C MET A 211 -31.92 13.01 -29.73
N THR A 212 -31.68 13.59 -30.89
CA THR A 212 -30.36 13.42 -31.53
C THR A 212 -29.33 14.34 -30.91
N ALA A 213 -29.78 15.47 -30.39
CA ALA A 213 -28.87 16.35 -29.70
C ALA A 213 -28.52 15.78 -28.34
N LEU A 214 -29.56 15.33 -27.62
CA LEU A 214 -29.34 14.64 -26.36
C LEU A 214 -28.31 13.51 -26.51
N LEU A 215 -28.49 12.62 -27.48
CA LEU A 215 -27.49 11.58 -27.67
C LEU A 215 -26.10 12.14 -28.02
N THR A 216 -26.02 13.02 -29.01
CA THR A 216 -24.75 13.66 -29.32
C THR A 216 -24.11 14.26 -28.09
N MET A 217 -24.91 14.96 -27.29
CA MET A 217 -24.32 15.67 -26.15
C MET A 217 -23.82 14.70 -25.07
N LEU A 218 -24.62 13.69 -24.76
CA LEU A 218 -24.18 12.67 -23.82
C LEU A 218 -22.90 11.99 -24.26
N ASN A 219 -22.59 11.99 -25.56
CA ASN A 219 -21.43 11.23 -26.01
C ASN A 219 -20.12 12.02 -25.96
N SER A 220 -20.08 13.10 -25.17
CA SER A 220 -18.87 13.90 -25.05
C SER A 220 -18.64 14.39 -23.63
N CYS A 221 -19.06 13.61 -22.63
CA CYS A 221 -19.00 14.04 -21.23
C CYS A 221 -17.59 13.93 -20.65
N ALA A 222 -16.75 13.03 -21.23
CA ALA A 222 -15.32 12.89 -20.96
C ALA A 222 -14.50 14.16 -21.15
N SER A 223 -15.06 15.18 -21.81
CA SER A 223 -14.43 16.49 -21.96
C SER A 223 -14.83 17.49 -20.87
N GLY A 224 -15.49 17.04 -19.81
CA GLY A 224 -16.02 17.89 -18.77
C GLY A 224 -17.38 18.49 -19.12
N ILE A 225 -18.38 17.64 -19.36
CA ILE A 225 -19.73 18.01 -19.76
C ILE A 225 -20.74 17.13 -19.04
N THR A 226 -21.79 17.74 -18.48
CA THR A 226 -22.96 17.01 -18.03
C THR A 226 -24.14 17.52 -18.84
N VAL A 227 -25.21 16.75 -18.86
CA VAL A 227 -26.32 17.00 -19.76
C VAL A 227 -27.61 17.01 -18.96
N VAL A 228 -28.51 17.91 -19.30
CA VAL A 228 -29.83 17.82 -18.70
C VAL A 228 -30.80 17.28 -19.73
N ASN A 229 -32.07 17.25 -19.38
CA ASN A 229 -33.11 16.75 -20.25
C ASN A 229 -33.45 17.75 -21.38
N ILE A 230 -34.09 17.21 -22.41
CA ILE A 230 -34.43 18.04 -23.56
C ILE A 230 -35.20 19.27 -23.15
N ASP A 231 -34.85 20.41 -23.73
CA ASP A 231 -35.52 21.69 -23.53
C ASP A 231 -35.41 22.18 -22.10
N ASN A 232 -34.61 21.56 -21.24
CA ASN A 232 -34.67 21.89 -19.83
C ASN A 232 -33.72 23.04 -19.49
N GLY A 233 -34.02 24.20 -20.04
CA GLY A 233 -33.24 25.38 -19.75
C GLY A 233 -33.24 25.72 -18.27
N PHE A 234 -34.41 25.66 -17.64
CA PHE A 234 -34.49 25.94 -16.20
C PHE A 234 -33.58 24.99 -15.42
N GLY A 235 -33.66 23.69 -15.73
CA GLY A 235 -32.93 22.69 -14.97
C GLY A 235 -31.42 22.78 -15.08
N ALA A 236 -30.90 23.11 -16.26
CA ALA A 236 -29.46 23.34 -16.32
C ALA A 236 -29.08 24.62 -15.58
N ALA A 237 -29.92 25.66 -15.59
CA ALA A 237 -29.57 26.87 -14.87
C ALA A 237 -29.67 26.72 -13.35
N TYR A 238 -30.39 25.71 -12.88
CA TYR A 238 -30.43 25.52 -11.45
C TYR A 238 -29.16 24.85 -10.96
N SER A 239 -28.65 23.87 -11.68
CA SER A 239 -27.35 23.36 -11.32
C SER A 239 -26.28 24.39 -11.63
N ALA A 240 -26.46 25.18 -12.68
CA ALA A 240 -25.46 26.17 -13.02
C ALA A 240 -25.33 27.17 -11.88
N SER A 241 -26.47 27.61 -11.34
CA SER A 241 -26.43 28.62 -10.29
C SER A 241 -25.72 28.09 -9.06
N MET A 242 -25.90 26.80 -8.75
CA MET A 242 -25.22 26.22 -7.62
C MET A 242 -23.71 26.23 -7.82
N VAL A 243 -23.27 25.77 -9.00
CA VAL A 243 -21.85 25.75 -9.33
C VAL A 243 -21.27 27.14 -9.19
N ASN A 244 -21.96 28.12 -9.77
CA ASN A 244 -21.45 29.48 -9.82
C ASN A 244 -21.33 30.08 -8.43
N GLN A 245 -22.22 29.74 -7.52
CA GLN A 245 -22.19 30.30 -6.18
C GLN A 245 -21.47 29.33 -5.24
N MET A 246 -20.21 29.10 -5.56
CA MET A 246 -19.32 28.37 -4.66
C MET A 246 -17.95 29.07 -4.62
N ARG B 44 -2.60 25.55 -21.40
CA ARG B 44 -1.73 24.39 -21.19
C ARG B 44 -1.96 23.77 -19.80
N ARG B 45 -1.48 24.47 -18.77
CA ARG B 45 -1.34 23.92 -17.41
C ARG B 45 -2.58 24.29 -16.60
N ASN B 46 -3.53 23.36 -16.58
CA ASN B 46 -4.74 23.46 -15.78
C ASN B 46 -4.69 22.59 -14.52
N GLY B 47 -3.56 21.92 -14.28
CA GLY B 47 -3.31 21.16 -13.08
C GLY B 47 -3.74 19.71 -13.15
N PHE B 48 -4.54 19.35 -14.13
CA PHE B 48 -5.14 18.03 -14.17
C PHE B 48 -4.08 16.97 -14.38
N PRO B 49 -4.30 15.74 -13.93
CA PRO B 49 -3.36 14.66 -14.22
C PRO B 49 -3.59 14.14 -15.62
N GLU B 50 -2.67 13.26 -16.06
CA GLU B 50 -2.68 12.68 -17.40
C GLU B 50 -3.60 11.49 -17.43
N VAL B 51 -4.48 11.45 -18.41
CA VAL B 51 -5.50 10.41 -18.51
C VAL B 51 -5.20 9.52 -19.70
N ILE B 52 -5.41 8.22 -19.51
CA ILE B 52 -5.20 7.23 -20.58
C ILE B 52 -6.50 6.50 -20.77
N TYR B 53 -7.04 6.54 -21.97
CA TYR B 53 -8.22 5.73 -22.21
C TYR B 53 -7.70 4.34 -22.54
N GLY B 54 -7.62 3.49 -21.52
CA GLY B 54 -6.99 2.19 -21.63
C GLY B 54 -7.84 1.02 -22.13
N ALA B 55 -9.03 1.33 -22.65
CA ALA B 55 -9.88 0.30 -23.24
C ALA B 55 -9.53 0.01 -24.68
N GLY B 56 -9.00 0.99 -25.40
CA GLY B 56 -8.70 0.81 -26.80
C GLY B 56 -7.21 0.88 -27.09
N LYS B 57 -6.44 1.10 -26.05
CA LYS B 57 -4.98 1.07 -26.14
C LYS B 57 -4.49 -0.33 -25.78
N THR B 58 -3.32 -0.68 -26.32
CA THR B 58 -2.75 -2.00 -26.10
C THR B 58 -1.74 -1.95 -24.94
N ALA B 59 -1.47 -3.12 -24.39
CA ALA B 59 -0.55 -3.23 -23.25
C ALA B 59 0.86 -2.78 -23.64
N THR B 60 1.34 -3.18 -24.81
CA THR B 60 2.64 -2.69 -25.27
C THR B 60 2.60 -1.22 -25.68
N GLN B 61 1.41 -0.66 -25.87
CA GLN B 61 1.28 0.73 -26.29
C GLN B 61 1.03 1.67 -25.11
N ILE B 62 0.48 1.14 -24.02
CA ILE B 62 0.25 1.92 -22.80
C ILE B 62 1.57 2.32 -22.16
N VAL B 63 2.43 1.35 -21.87
CA VAL B 63 3.76 1.62 -21.36
C VAL B 63 4.51 2.61 -22.25
N GLY B 64 4.11 2.72 -23.52
CA GLY B 64 4.66 3.68 -24.46
C GLY B 64 4.40 5.15 -24.17
N ILE B 65 3.17 5.52 -23.80
CA ILE B 65 2.91 6.92 -23.45
C ILE B 65 3.11 7.17 -21.96
N VAL B 66 2.88 6.18 -21.10
CA VAL B 66 3.12 6.36 -19.67
C VAL B 66 4.55 6.80 -19.42
N GLN B 67 5.51 6.08 -20.02
CA GLN B 67 6.91 6.49 -19.90
C GLN B 67 7.29 7.61 -20.85
N ALA B 68 6.41 8.00 -21.77
CA ALA B 68 6.65 9.22 -22.53
C ALA B 68 6.52 10.45 -21.65
N LEU B 69 5.65 10.38 -20.64
CA LEU B 69 5.42 11.45 -19.70
C LEU B 69 5.91 11.08 -18.30
N SER B 70 6.92 10.22 -18.19
CA SER B 70 7.46 9.88 -16.88
C SER B 70 8.31 11.00 -16.28
N GLN B 71 8.34 12.18 -16.87
CA GLN B 71 8.99 13.34 -16.28
C GLN B 71 7.99 14.40 -15.82
N GLN B 72 6.74 14.00 -15.54
CA GLN B 72 5.70 14.95 -15.16
C GLN B 72 5.87 15.50 -13.75
N THR B 73 6.18 14.61 -12.79
CA THR B 73 5.98 14.76 -11.36
C THR B 73 4.50 14.82 -11.00
N LEU B 74 3.57 14.69 -11.98
CA LEU B 74 2.11 14.65 -11.84
C LEU B 74 1.60 13.24 -12.06
N PRO B 75 0.51 12.84 -11.43
CA PRO B 75 0.06 11.45 -11.54
C PRO B 75 -0.50 11.14 -12.91
N ILE B 76 -0.54 9.84 -13.22
CA ILE B 76 -1.03 9.33 -14.49
C ILE B 76 -2.13 8.31 -14.20
N LEU B 77 -3.35 8.61 -14.64
CA LEU B 77 -4.51 7.77 -14.37
C LEU B 77 -4.97 7.08 -15.64
N THR B 78 -5.10 5.75 -15.56
CA THR B 78 -5.43 4.88 -16.70
C THR B 78 -6.74 4.15 -16.44
N THR B 79 -7.79 4.52 -17.16
CA THR B 79 -9.13 4.04 -16.86
C THR B 79 -9.48 2.87 -17.77
N ARG B 80 -10.36 2.00 -17.25
CA ARG B 80 -10.84 0.83 -17.99
C ARG B 80 -9.70 -0.09 -18.43
N LEU B 81 -8.91 -0.52 -17.46
CA LEU B 81 -7.76 -1.40 -17.71
C LEU B 81 -8.09 -2.78 -17.14
N SER B 82 -8.33 -3.75 -18.02
CA SER B 82 -8.76 -5.07 -17.58
C SER B 82 -7.65 -5.74 -16.78
N ALA B 83 -8.07 -6.65 -15.89
CA ALA B 83 -7.11 -7.26 -14.96
C ALA B 83 -6.04 -8.06 -15.69
N GLU B 84 -6.34 -8.53 -16.90
CA GLU B 84 -5.32 -9.24 -17.69
C GLU B 84 -4.29 -8.29 -18.28
N LYS B 85 -4.66 -7.02 -18.50
CA LYS B 85 -3.73 -6.03 -19.04
C LYS B 85 -2.83 -5.40 -17.99
N PHE B 86 -3.22 -5.42 -16.71
CA PHE B 86 -2.31 -4.97 -15.66
C PHE B 86 -1.26 -6.02 -15.33
N ALA B 87 -1.60 -7.30 -15.47
CA ALA B 87 -0.61 -8.35 -15.28
C ALA B 87 0.43 -8.32 -16.40
N ALA B 88 0.04 -7.82 -17.58
CA ALA B 88 0.95 -7.71 -18.71
C ALA B 88 2.01 -6.64 -18.50
N LEU B 89 1.69 -5.58 -17.73
CA LEU B 89 2.60 -4.47 -17.48
C LEU B 89 3.20 -4.46 -16.09
N GLN B 90 2.65 -5.22 -15.15
CA GLN B 90 3.10 -5.27 -13.77
C GLN B 90 4.63 -5.38 -13.70
N PRO B 91 5.30 -6.19 -14.53
CA PRO B 91 6.78 -6.06 -14.61
C PRO B 91 7.24 -4.70 -15.09
N ALA B 92 6.62 -4.16 -16.16
CA ALA B 92 7.12 -2.94 -16.78
C ALA B 92 7.05 -1.73 -15.82
N LEU B 93 5.98 -1.66 -15.01
CA LEU B 93 5.78 -0.58 -14.06
C LEU B 93 5.59 -1.19 -12.68
N PRO B 94 6.68 -1.46 -11.96
CA PRO B 94 6.54 -2.11 -10.64
C PRO B 94 5.87 -1.23 -9.61
N THR B 95 5.93 0.09 -9.77
CA THR B 95 5.42 1.02 -8.77
C THR B 95 3.93 1.32 -8.92
N ALA B 96 3.38 1.09 -10.11
CA ALA B 96 2.00 1.47 -10.37
C ALA B 96 1.07 0.77 -9.40
N VAL B 97 -0.04 1.44 -9.09
CA VAL B 97 -1.12 0.87 -8.30
C VAL B 97 -2.25 0.55 -9.25
N TYR B 98 -3.01 -0.50 -8.92
CA TYR B 98 -4.13 -0.96 -9.74
C TYR B 98 -5.31 -1.17 -8.82
N HIS B 99 -6.44 -0.52 -9.14
CA HIS B 99 -7.66 -0.63 -8.35
C HIS B 99 -8.56 -1.59 -9.10
N ALA B 100 -8.65 -2.84 -8.60
CA ALA B 100 -9.27 -3.94 -9.34
C ALA B 100 -10.69 -3.59 -9.79
N THR B 101 -11.58 -3.35 -8.82
CA THR B 101 -12.98 -3.13 -9.15
C THR B 101 -13.14 -2.01 -10.16
N ALA B 102 -12.29 -0.98 -10.09
CA ALA B 102 -12.44 0.24 -10.89
C ALA B 102 -11.74 0.18 -12.23
N GLN B 103 -10.95 -0.86 -12.48
CA GLN B 103 -10.17 -1.01 -13.73
C GLN B 103 -9.35 0.24 -14.03
N CYS B 104 -8.75 0.79 -12.99
CA CYS B 104 -7.89 1.95 -13.12
C CYS B 104 -6.51 1.65 -12.55
N MET B 105 -5.49 2.17 -13.23
CA MET B 105 -4.12 2.04 -12.80
C MET B 105 -3.52 3.45 -12.71
N THR B 106 -2.93 3.74 -11.56
CA THR B 106 -2.35 5.04 -11.25
C THR B 106 -0.85 4.85 -11.11
N VAL B 107 -0.07 5.61 -11.90
CA VAL B 107 1.38 5.64 -11.78
C VAL B 107 1.79 7.03 -11.33
N GLY B 108 2.60 7.09 -10.28
CA GLY B 108 3.13 8.36 -9.85
C GLY B 108 2.65 8.80 -8.48
N GLU B 109 3.50 9.57 -7.79
CA GLU B 109 3.23 10.01 -6.43
C GLU B 109 2.00 10.91 -6.35
N GLN B 110 0.99 10.46 -5.61
CA GLN B 110 -0.16 11.28 -5.28
C GLN B 110 0.22 12.38 -4.30
N PRO B 111 0.13 13.67 -4.66
CA PRO B 111 0.31 14.74 -3.67
C PRO B 111 -0.98 14.87 -2.87
N ALA B 112 -0.94 15.77 -1.90
CA ALA B 112 -2.09 16.08 -1.05
C ALA B 112 -3.35 16.41 -1.85
N PRO B 113 -4.55 16.33 -1.26
CA PRO B 113 -5.74 16.92 -1.88
C PRO B 113 -5.56 18.41 -2.15
N LYS B 114 -6.14 18.85 -3.26
CA LYS B 114 -6.02 20.24 -3.64
C LYS B 114 -6.95 21.15 -2.82
N THR B 115 -8.13 20.69 -2.48
CA THR B 115 -9.02 21.53 -1.70
C THR B 115 -9.65 20.70 -0.58
N PRO B 116 -10.02 21.31 0.55
CA PRO B 116 -10.44 20.51 1.70
C PRO B 116 -11.85 19.92 1.63
N GLY B 117 -12.71 20.33 0.70
CA GLY B 117 -14.00 19.69 0.59
C GLY B 117 -13.91 18.31 -0.01
N TYR B 118 -14.99 17.54 0.12
CA TYR B 118 -14.95 16.19 -0.45
C TYR B 118 -16.09 16.01 -1.44
N ILE B 119 -15.88 15.05 -2.34
CA ILE B 119 -16.90 14.57 -3.27
C ILE B 119 -17.50 13.33 -2.66
N ALA B 120 -18.83 13.27 -2.58
CA ALA B 120 -19.50 12.08 -2.08
C ALA B 120 -19.90 11.22 -3.26
N VAL B 121 -19.56 9.93 -3.22
CA VAL B 121 -19.92 9.01 -4.28
C VAL B 121 -20.95 8.02 -3.72
N VAL B 122 -22.21 8.15 -4.16
CA VAL B 122 -23.32 7.36 -3.64
C VAL B 122 -23.71 6.31 -4.63
N THR B 123 -23.85 5.07 -4.17
CA THR B 123 -24.13 3.97 -5.07
C THR B 123 -25.43 3.31 -4.66
N ALA B 124 -26.19 2.88 -5.65
CA ALA B 124 -27.51 2.31 -5.40
C ALA B 124 -27.43 0.87 -4.92
N GLY B 125 -26.65 0.03 -5.60
CA GLY B 125 -26.50 -1.36 -5.21
C GLY B 125 -25.09 -1.85 -5.47
N THR B 126 -24.86 -3.14 -5.18
CA THR B 126 -23.54 -3.70 -5.36
C THR B 126 -23.13 -3.71 -6.83
N SER B 127 -24.05 -4.07 -7.73
CA SER B 127 -23.72 -4.09 -9.15
C SER B 127 -23.16 -2.77 -9.65
N ASP B 128 -23.20 -1.71 -8.84
CA ASP B 128 -22.72 -0.41 -9.28
C ASP B 128 -21.30 -0.13 -8.86
N GLN B 129 -20.80 -0.82 -7.84
CA GLN B 129 -19.46 -0.70 -7.25
C GLN B 129 -18.35 -0.44 -8.28
N PRO B 130 -18.26 -1.21 -9.38
CA PRO B 130 -17.27 -0.90 -10.42
C PRO B 130 -17.36 0.52 -10.98
N VAL B 131 -18.46 0.90 -11.64
CA VAL B 131 -18.48 2.25 -12.20
C VAL B 131 -18.47 3.32 -11.09
N ALA B 132 -19.01 3.03 -9.91
CA ALA B 132 -18.80 3.95 -8.79
C ALA B 132 -17.32 4.09 -8.48
N GLU B 133 -16.58 2.99 -8.57
CA GLU B 133 -15.17 3.04 -8.17
C GLU B 133 -14.31 3.71 -9.23
N GLU B 134 -14.76 3.71 -10.49
CA GLU B 134 -14.08 4.49 -11.51
C GLU B 134 -14.25 5.99 -11.26
N ALA B 135 -15.47 6.42 -10.93
CA ALA B 135 -15.65 7.81 -10.52
C ALA B 135 -14.81 8.11 -9.28
N ALA B 136 -14.88 7.22 -8.28
CA ALA B 136 -14.18 7.44 -7.03
C ALA B 136 -12.68 7.61 -7.25
N VAL B 137 -12.05 6.66 -7.95
CA VAL B 137 -10.59 6.70 -8.08
C VAL B 137 -10.15 7.86 -8.96
N THR B 138 -10.92 8.19 -10.00
CA THR B 138 -10.61 9.37 -10.82
C THR B 138 -10.69 10.63 -9.98
N ALA B 139 -11.76 10.78 -9.21
CA ALA B 139 -11.91 11.98 -8.40
C ALA B 139 -10.73 12.15 -7.45
N GLU B 140 -10.29 11.06 -6.83
CA GLU B 140 -9.18 11.09 -5.89
C GLU B 140 -7.85 11.35 -6.58
N THR B 141 -7.59 10.68 -7.71
CA THR B 141 -6.38 11.01 -8.46
C THR B 141 -6.36 12.48 -8.86
N PHE B 142 -7.52 13.05 -9.20
CA PHE B 142 -7.52 14.43 -9.64
C PHE B 142 -7.34 15.42 -8.51
N GLY B 143 -7.22 14.97 -7.28
CA GLY B 143 -6.94 15.88 -6.19
C GLY B 143 -8.08 16.05 -5.22
N ASN B 144 -9.09 15.21 -5.27
CA ASN B 144 -10.28 15.42 -4.47
C ASN B 144 -10.33 14.42 -3.32
N ARG B 145 -10.63 14.92 -2.11
CA ARG B 145 -11.12 14.05 -1.06
C ARG B 145 -12.45 13.42 -1.48
N VAL B 146 -12.59 12.10 -1.27
CA VAL B 146 -13.78 11.36 -1.68
C VAL B 146 -14.31 10.57 -0.51
N GLU B 147 -15.62 10.68 -0.25
CA GLU B 147 -16.29 9.88 0.76
C GLU B 147 -17.26 8.94 0.04
N ARG B 148 -17.07 7.63 0.19
CA ARG B 148 -17.93 6.64 -0.47
C ARG B 148 -19.14 6.38 0.41
N VAL B 149 -20.32 6.35 -0.21
CA VAL B 149 -21.55 5.98 0.48
C VAL B 149 -22.27 4.96 -0.40
N TYR B 150 -21.97 3.68 -0.19
CA TYR B 150 -22.41 2.67 -1.13
C TYR B 150 -23.61 1.92 -0.61
N ASP B 151 -24.31 1.25 -1.53
CA ASP B 151 -25.48 0.41 -1.23
C ASP B 151 -26.46 1.15 -0.33
N VAL B 152 -27.17 2.09 -0.93
CA VAL B 152 -28.20 2.85 -0.23
C VAL B 152 -29.43 3.03 -1.10
N GLY B 153 -29.76 2.02 -1.90
CA GLY B 153 -30.90 2.12 -2.81
C GLY B 153 -32.21 2.27 -2.06
N VAL B 154 -33.22 2.78 -2.77
CA VAL B 154 -34.47 3.11 -2.11
C VAL B 154 -35.31 1.90 -1.70
N ALA B 155 -34.87 0.68 -2.07
CA ALA B 155 -35.57 -0.50 -1.59
C ALA B 155 -35.49 -0.60 -0.06
N GLY B 156 -34.30 -0.30 0.50
CA GLY B 156 -34.10 -0.15 1.93
C GLY B 156 -33.65 1.25 2.26
N ILE B 157 -34.57 2.22 2.13
CA ILE B 157 -34.21 3.64 2.14
C ILE B 157 -33.66 4.13 3.48
N HIS B 158 -33.93 3.40 4.56
CA HIS B 158 -33.33 3.74 5.84
C HIS B 158 -31.80 3.75 5.75
N ARG B 159 -31.24 2.89 4.92
CA ARG B 159 -29.81 2.95 4.66
C ARG B 159 -29.40 4.33 4.17
N LEU B 160 -30.26 4.97 3.37
CA LEU B 160 -29.88 6.24 2.75
C LEU B 160 -29.97 7.39 3.73
N PHE B 161 -30.96 7.35 4.62
CA PHE B 161 -30.94 8.32 5.70
C PHE B 161 -29.84 8.03 6.73
N ALA B 162 -29.34 6.81 6.82
CA ALA B 162 -28.24 6.52 7.73
C ALA B 162 -27.06 7.44 7.47
N LYS B 163 -26.65 7.58 6.21
CA LYS B 163 -25.47 8.34 5.82
C LYS B 163 -25.86 9.61 5.07
N LEU B 164 -26.98 10.22 5.48
CA LEU B 164 -27.44 11.47 4.86
C LEU B 164 -26.59 12.67 5.28
N ASP B 165 -26.18 12.71 6.56
CA ASP B 165 -25.29 13.78 7.04
C ASP B 165 -24.02 13.85 6.19
N VAL B 166 -23.46 12.70 5.84
CA VAL B 166 -22.25 12.65 5.04
C VAL B 166 -22.50 13.19 3.63
N ILE B 167 -23.55 12.67 2.98
CA ILE B 167 -23.96 13.16 1.66
C ILE B 167 -24.19 14.67 1.67
N ARG B 168 -24.97 15.17 2.63
CA ARG B 168 -25.25 16.59 2.64
C ARG B 168 -23.98 17.41 2.80
N GLY B 169 -22.98 16.86 3.50
CA GLY B 169 -21.71 17.54 3.78
C GLY B 169 -20.75 17.67 2.62
N ALA B 170 -21.00 16.98 1.53
CA ALA B 170 -20.15 17.03 0.35
C ALA B 170 -20.37 18.31 -0.45
N ARG B 171 -19.35 18.70 -1.20
CA ARG B 171 -19.52 19.81 -2.11
C ARG B 171 -20.23 19.37 -3.37
N VAL B 172 -20.06 18.11 -3.74
CA VAL B 172 -20.68 17.54 -4.93
C VAL B 172 -21.04 16.10 -4.64
N VAL B 173 -22.14 15.65 -5.23
CA VAL B 173 -22.58 14.26 -5.05
C VAL B 173 -22.68 13.61 -6.41
N ILE B 174 -21.97 12.49 -6.58
CA ILE B 174 -22.07 11.66 -7.76
C ILE B 174 -22.97 10.49 -7.38
N VAL B 175 -24.11 10.35 -8.03
CA VAL B 175 -25.02 9.25 -7.75
C VAL B 175 -24.93 8.27 -8.90
N ILE B 176 -24.69 7.02 -8.55
CA ILE B 176 -24.49 5.95 -9.51
C ILE B 176 -25.56 4.93 -9.23
N ALA B 177 -26.35 4.59 -10.24
CA ALA B 177 -27.47 3.72 -10.00
C ALA B 177 -27.74 2.95 -11.28
N GLY B 178 -28.08 1.68 -11.12
CA GLY B 178 -28.51 0.83 -12.21
C GLY B 178 -30.02 0.79 -12.33
N MET B 179 -30.61 -0.39 -12.16
CA MET B 179 -32.05 -0.55 -12.34
C MET B 179 -32.84 0.54 -11.63
N GLU B 180 -32.60 0.71 -10.33
CA GLU B 180 -33.30 1.73 -9.55
C GLU B 180 -32.54 3.08 -9.62
N GLY B 181 -32.59 3.66 -10.82
CA GLY B 181 -32.10 5.01 -11.04
C GLY B 181 -32.91 6.13 -10.37
N ALA B 182 -34.05 5.73 -9.79
CA ALA B 182 -34.81 6.56 -8.88
C ALA B 182 -33.99 7.11 -7.72
N LEU B 183 -32.81 6.53 -7.45
CA LEU B 183 -31.99 7.04 -6.34
C LEU B 183 -31.55 8.48 -6.60
N ALA B 184 -31.20 8.82 -7.84
CA ALA B 184 -30.72 10.16 -8.13
C ALA B 184 -31.74 11.22 -7.75
N SER B 185 -33.01 11.02 -8.11
CA SER B 185 -34.03 11.98 -7.72
C SER B 185 -34.14 12.07 -6.21
N VAL B 186 -34.19 10.93 -5.52
CA VAL B 186 -34.32 10.93 -4.07
C VAL B 186 -33.21 11.77 -3.42
N VAL B 187 -31.97 11.51 -3.84
CA VAL B 187 -30.85 12.34 -3.40
C VAL B 187 -31.07 13.80 -3.82
N GLY B 188 -31.33 14.04 -5.10
CA GLY B 188 -31.36 15.40 -5.61
C GLY B 188 -32.27 16.35 -4.84
N GLY B 189 -33.36 15.81 -4.26
CA GLY B 189 -34.33 16.47 -3.42
C GLY B 189 -34.02 16.43 -1.95
N LEU B 190 -32.86 15.89 -1.57
CA LEU B 190 -32.40 15.96 -0.20
C LEU B 190 -31.12 16.77 -0.04
N VAL B 191 -30.45 17.12 -1.12
CA VAL B 191 -29.24 17.90 -1.01
C VAL B 191 -29.44 19.20 -1.77
N ASP B 192 -28.83 20.27 -1.25
CA ASP B 192 -28.81 21.54 -1.97
C ASP B 192 -27.41 21.78 -2.57
N LYS B 193 -26.77 20.71 -3.03
CA LYS B 193 -25.47 20.74 -3.70
C LYS B 193 -25.56 20.05 -5.03
N PRO B 194 -24.63 20.32 -5.95
CA PRO B 194 -24.70 19.72 -7.30
C PRO B 194 -24.73 18.21 -7.28
N VAL B 195 -25.62 17.63 -8.06
CA VAL B 195 -25.65 16.17 -8.21
C VAL B 195 -25.40 15.81 -9.66
N ILE B 196 -24.38 15.00 -9.90
CA ILE B 196 -24.13 14.42 -11.21
C ILE B 196 -24.55 12.96 -11.14
N ALA B 197 -25.44 12.55 -12.02
CA ALA B 197 -25.91 11.17 -12.01
C ALA B 197 -25.24 10.37 -13.12
N VAL B 198 -24.89 9.13 -12.81
CA VAL B 198 -24.28 8.21 -13.77
C VAL B 198 -25.19 7.00 -13.89
N PRO B 199 -25.88 6.86 -15.01
CA PRO B 199 -26.65 5.63 -15.23
C PRO B 199 -25.70 4.46 -15.48
N THR B 200 -25.98 3.30 -14.86
CA THR B 200 -25.18 2.11 -15.11
C THR B 200 -25.97 1.06 -15.90
N SER B 201 -25.30 0.38 -16.82
CA SER B 201 -25.89 -0.76 -17.51
C SER B 201 -25.75 -2.03 -16.69
N VAL B 202 -26.83 -2.77 -16.52
CA VAL B 202 -26.75 -4.01 -15.76
C VAL B 202 -27.60 -5.11 -16.39
N GLY B 203 -27.90 -4.97 -17.68
CA GLY B 203 -28.63 -6.01 -18.40
C GLY B 203 -30.13 -5.91 -18.23
N GLY B 205 -33.34 -8.32 -16.71
CA GLY B 205 -32.99 -6.97 -17.10
C GLY B 205 -33.88 -6.35 -18.18
N THR B 206 -35.04 -5.84 -17.75
CA THR B 206 -35.88 -4.93 -18.53
C THR B 206 -35.39 -3.48 -18.42
N SER B 207 -34.25 -3.27 -17.75
CA SER B 207 -33.47 -2.06 -17.77
C SER B 207 -32.88 -1.71 -19.13
N PHE B 208 -33.22 -2.44 -20.19
CA PHE B 208 -32.78 -2.10 -21.54
C PHE B 208 -31.31 -1.67 -21.57
N GLN B 209 -30.46 -2.42 -20.86
CA GLN B 209 -29.01 -2.21 -20.86
C GLN B 209 -28.62 -0.82 -20.31
N GLY B 210 -29.31 -0.38 -19.25
CA GLY B 210 -29.08 0.93 -18.64
C GLY B 210 -29.82 2.10 -19.26
N MET B 211 -30.44 1.93 -20.44
CA MET B 211 -31.07 3.05 -21.12
C MET B 211 -32.20 3.63 -20.27
N THR B 212 -32.85 2.77 -19.47
CA THR B 212 -33.91 3.23 -18.57
C THR B 212 -33.35 4.09 -17.45
N ALA B 213 -32.18 3.73 -16.94
CA ALA B 213 -31.57 4.53 -15.90
C ALA B 213 -31.20 5.91 -16.45
N LEU B 214 -30.61 5.93 -17.66
CA LEU B 214 -30.31 7.23 -18.29
C LEU B 214 -31.59 8.04 -18.47
N LEU B 215 -32.64 7.42 -19.00
CA LEU B 215 -33.89 8.18 -19.17
C LEU B 215 -34.48 8.58 -17.83
N THR B 216 -34.36 7.72 -16.83
CA THR B 216 -34.99 8.04 -15.57
C THR B 216 -34.29 9.21 -14.90
N MET B 217 -32.97 9.32 -15.06
CA MET B 217 -32.21 10.39 -14.40
C MET B 217 -32.40 11.74 -15.10
N LEU B 218 -32.36 11.74 -16.43
CA LEU B 218 -32.74 12.90 -17.22
C LEU B 218 -34.10 13.43 -16.79
N ASN B 219 -35.08 12.55 -16.64
CA ASN B 219 -36.45 12.99 -16.33
C ASN B 219 -36.65 13.10 -14.83
N SER B 220 -35.57 13.24 -14.09
CA SER B 220 -35.69 13.35 -12.62
C SER B 220 -36.20 14.74 -12.27
N CYS B 221 -36.90 14.86 -11.16
CA CYS B 221 -37.30 16.21 -10.69
C CYS B 221 -36.70 17.03 -9.55
N ALA B 222 -35.89 16.40 -8.73
CA ALA B 222 -35.27 17.15 -7.68
C ALA B 222 -34.31 18.08 -8.40
N SER B 223 -34.82 19.11 -9.07
CA SER B 223 -33.99 20.03 -9.85
C SER B 223 -32.67 20.06 -9.08
N GLY B 224 -31.51 19.95 -9.79
CA GLY B 224 -30.20 19.94 -9.19
C GLY B 224 -29.40 18.71 -9.55
N ILE B 225 -29.94 17.98 -10.45
CA ILE B 225 -29.31 16.77 -10.95
C ILE B 225 -28.87 17.05 -12.37
N THR B 226 -27.79 16.47 -12.77
CA THR B 226 -27.26 16.64 -14.09
C THR B 226 -26.67 15.29 -14.45
N VAL B 227 -26.77 14.90 -15.70
CA VAL B 227 -26.59 13.49 -16.04
C VAL B 227 -25.38 13.37 -16.98
N VAL B 228 -24.52 12.39 -16.73
CA VAL B 228 -23.56 11.95 -17.73
C VAL B 228 -24.14 10.75 -18.46
N ASN B 229 -23.38 10.17 -19.38
CA ASN B 229 -23.86 9.04 -20.16
C ASN B 229 -23.50 7.71 -19.51
N ILE B 230 -23.86 6.60 -20.16
CA ILE B 230 -23.90 5.29 -19.49
C ILE B 230 -22.51 4.79 -19.10
N ASP B 231 -22.36 4.45 -17.83
CA ASP B 231 -21.19 3.82 -17.23
C ASP B 231 -20.00 4.75 -17.15
N ASN B 232 -20.16 6.01 -17.53
CA ASN B 232 -19.04 6.94 -17.61
C ASN B 232 -18.82 7.63 -16.27
N GLY B 233 -18.47 6.83 -15.27
CA GLY B 233 -18.07 7.38 -14.00
C GLY B 233 -16.87 8.32 -14.06
N PHE B 234 -15.98 8.12 -15.03
CA PHE B 234 -14.77 8.95 -15.11
C PHE B 234 -15.21 10.37 -15.35
N GLY B 235 -15.96 10.57 -16.43
CA GLY B 235 -16.33 11.90 -16.84
C GLY B 235 -17.21 12.59 -15.84
N ALA B 236 -18.05 11.81 -15.14
CA ALA B 236 -18.74 12.35 -13.98
C ALA B 236 -17.75 12.95 -13.01
N ALA B 237 -16.75 12.17 -12.59
CA ALA B 237 -15.80 12.71 -11.63
C ALA B 237 -14.96 13.82 -12.23
N TYR B 238 -14.76 13.82 -13.55
CA TYR B 238 -14.03 14.91 -14.14
C TYR B 238 -14.80 16.22 -14.00
N SER B 239 -16.13 16.19 -14.21
CA SER B 239 -16.95 17.38 -14.00
C SER B 239 -17.10 17.65 -12.52
N ALA B 240 -17.24 16.59 -11.74
CA ALA B 240 -17.28 16.73 -10.28
C ALA B 240 -16.03 17.41 -9.75
N SER B 241 -14.85 16.98 -10.21
CA SER B 241 -13.61 17.52 -9.69
C SER B 241 -13.50 19.01 -9.97
N MET B 242 -13.79 19.42 -11.22
CA MET B 242 -13.87 20.84 -11.51
C MET B 242 -14.81 21.55 -10.56
N VAL B 243 -16.00 20.97 -10.32
CA VAL B 243 -16.97 21.67 -9.49
C VAL B 243 -16.46 21.82 -8.06
N ASN B 244 -15.72 20.83 -7.57
CA ASN B 244 -15.29 20.86 -6.18
C ASN B 244 -14.20 21.92 -5.97
N GLN B 245 -13.34 22.14 -6.97
CA GLN B 245 -12.10 22.90 -6.77
C GLN B 245 -12.21 24.35 -7.23
N MET B 246 -13.32 24.99 -6.92
CA MET B 246 -13.68 26.25 -7.52
C MET B 246 -14.04 27.29 -6.46
N ARG C 44 14.90 42.31 -3.01
CA ARG C 44 14.32 41.29 -3.87
C ARG C 44 13.01 40.77 -3.27
N ARG C 45 11.95 41.58 -3.43
CA ARG C 45 10.62 41.13 -3.09
C ARG C 45 10.26 39.94 -3.96
N ASN C 46 9.69 38.91 -3.33
CA ASN C 46 9.55 37.56 -3.91
C ASN C 46 8.21 36.96 -3.46
N GLY C 47 7.13 37.67 -3.77
CA GLY C 47 5.78 37.25 -3.41
C GLY C 47 5.36 37.51 -1.98
N PHE C 48 6.25 38.04 -1.16
CA PHE C 48 5.94 38.25 0.24
C PHE C 48 5.21 39.57 0.44
N PRO C 49 4.05 39.58 1.10
CA PRO C 49 3.46 40.85 1.53
C PRO C 49 4.34 41.50 2.58
N GLU C 50 4.05 42.78 2.84
CA GLU C 50 4.77 43.49 3.87
C GLU C 50 4.00 43.35 5.18
N VAL C 51 4.75 43.19 6.27
CA VAL C 51 4.19 42.81 7.57
C VAL C 51 4.58 43.88 8.56
N ILE C 52 3.58 44.57 9.12
CA ILE C 52 3.79 45.64 10.09
C ILE C 52 3.48 45.11 11.49
N TYR C 53 4.49 45.11 12.36
CA TYR C 53 4.27 44.82 13.78
C TYR C 53 3.50 45.98 14.38
N GLY C 54 2.19 45.81 14.51
CA GLY C 54 1.31 46.90 14.83
C GLY C 54 1.08 47.19 16.30
N ALA C 55 1.96 46.72 17.17
CA ALA C 55 1.77 46.96 18.59
C ALA C 55 2.59 48.15 19.09
N GLY C 56 3.88 48.18 18.77
CA GLY C 56 4.75 49.25 19.28
C GLY C 56 4.54 50.60 18.65
N LYS C 57 3.89 50.67 17.50
CA LYS C 57 3.69 51.93 16.80
C LYS C 57 2.25 52.41 16.99
N THR C 58 2.09 53.73 16.97
CA THR C 58 0.80 54.36 17.21
C THR C 58 -0.03 54.43 15.93
N ALA C 59 -1.31 54.77 16.08
CA ALA C 59 -2.23 54.76 14.95
C ALA C 59 -1.77 55.71 13.85
N THR C 60 -1.29 56.90 14.22
CA THR C 60 -0.68 57.74 13.20
C THR C 60 0.60 57.11 12.66
N GLN C 61 1.39 56.51 13.55
CA GLN C 61 2.68 55.96 13.14
C GLN C 61 2.50 54.87 12.09
N ILE C 62 1.38 54.14 12.15
CA ILE C 62 1.12 53.04 11.24
C ILE C 62 0.66 53.55 9.88
N VAL C 63 -0.26 54.53 9.85
CA VAL C 63 -0.58 55.19 8.60
C VAL C 63 0.69 55.75 7.96
N GLY C 64 1.61 56.26 8.77
CA GLY C 64 2.87 56.79 8.27
C GLY C 64 3.74 55.76 7.57
N ILE C 65 3.46 54.47 7.76
CA ILE C 65 4.20 53.43 7.06
C ILE C 65 3.35 52.75 5.99
N VAL C 66 2.05 52.57 6.22
CA VAL C 66 1.17 52.02 5.19
C VAL C 66 1.16 52.90 3.97
N GLN C 67 0.89 54.21 4.16
CA GLN C 67 0.89 55.15 3.04
C GLN C 67 2.26 55.25 2.38
N ALA C 68 3.31 54.90 3.11
CA ALA C 68 4.66 54.89 2.55
C ALA C 68 4.87 53.67 1.65
N LEU C 69 4.56 52.47 2.13
CA LEU C 69 4.70 51.26 1.32
C LEU C 69 3.51 51.04 0.39
N SER C 70 2.92 52.09 -0.17
CA SER C 70 1.75 51.94 -1.04
C SER C 70 2.13 51.61 -2.48
N GLN C 71 3.40 51.68 -2.85
CA GLN C 71 3.83 51.49 -4.23
C GLN C 71 4.35 50.07 -4.43
N GLN C 72 3.72 49.34 -5.35
CA GLN C 72 4.21 48.04 -5.85
C GLN C 72 4.26 46.96 -4.78
N THR C 73 3.10 46.61 -4.22
CA THR C 73 3.01 45.54 -3.23
C THR C 73 1.55 45.12 -3.15
N LEU C 74 1.23 43.91 -3.63
CA LEU C 74 -0.17 43.54 -3.80
C LEU C 74 -0.97 43.56 -2.49
N PRO C 75 -0.48 43.01 -1.35
CA PRO C 75 -1.20 43.19 -0.10
C PRO C 75 -0.34 43.62 1.09
N ILE C 76 -0.95 44.30 2.06
CA ILE C 76 -0.26 44.85 3.23
C ILE C 76 -0.88 44.30 4.52
N LEU C 77 -0.08 43.58 5.30
CA LEU C 77 -0.54 42.90 6.49
C LEU C 77 -0.09 43.64 7.75
N THR C 78 -1.03 43.78 8.69
CA THR C 78 -0.77 44.40 9.98
C THR C 78 -1.30 43.51 11.09
N THR C 79 -0.43 43.14 12.02
CA THR C 79 -0.74 42.20 13.08
C THR C 79 -0.91 42.94 14.39
N ARG C 80 -1.84 42.44 15.20
CA ARG C 80 -2.03 42.94 16.56
C ARG C 80 -2.44 44.41 16.56
N LEU C 81 -3.65 44.64 16.04
CA LEU C 81 -4.17 45.99 15.80
C LEU C 81 -5.54 46.14 16.46
N SER C 82 -5.58 46.83 17.60
CA SER C 82 -6.83 47.05 18.31
C SER C 82 -7.87 47.73 17.43
N ALA C 83 -9.13 47.58 17.82
CA ALA C 83 -10.24 48.12 17.03
C ALA C 83 -10.33 49.63 17.16
N GLU C 84 -9.94 50.19 18.32
CA GLU C 84 -9.85 51.63 18.46
C GLU C 84 -8.72 52.20 17.59
N LYS C 85 -7.64 51.43 17.42
CA LYS C 85 -6.61 51.84 16.48
C LYS C 85 -7.08 51.70 15.04
N PHE C 86 -7.84 50.65 14.73
CA PHE C 86 -8.32 50.53 13.35
C PHE C 86 -9.40 51.55 13.06
N ALA C 87 -10.18 51.92 14.09
CA ALA C 87 -11.15 53.00 13.92
C ALA C 87 -10.45 54.32 13.60
N ALA C 88 -9.36 54.61 14.34
CA ALA C 88 -8.60 55.85 14.14
C ALA C 88 -8.04 55.98 12.75
N LEU C 89 -7.85 54.86 12.03
CA LEU C 89 -7.28 54.85 10.70
C LEU C 89 -8.30 54.55 9.60
N GLN C 90 -9.51 54.12 9.96
CA GLN C 90 -10.53 53.76 8.99
C GLN C 90 -10.61 54.75 7.83
N PRO C 91 -10.72 56.09 8.04
CA PRO C 91 -10.79 57.02 6.91
C PRO C 91 -9.43 57.37 6.33
N ALA C 92 -8.39 57.38 7.16
CA ALA C 92 -7.04 57.68 6.68
C ALA C 92 -6.57 56.65 5.65
N LEU C 93 -7.05 55.41 5.76
CA LEU C 93 -6.79 54.36 4.78
C LEU C 93 -8.14 53.71 4.52
N PRO C 94 -8.93 54.28 3.61
CA PRO C 94 -10.35 53.91 3.51
C PRO C 94 -10.66 52.61 2.78
N THR C 95 -9.65 51.93 2.22
CA THR C 95 -9.89 50.71 1.49
C THR C 95 -9.59 49.47 2.32
N ALA C 96 -9.02 49.65 3.51
CA ALA C 96 -8.49 48.54 4.28
C ALA C 96 -9.61 47.71 4.88
N VAL C 97 -9.34 46.40 5.00
CA VAL C 97 -10.22 45.46 5.66
C VAL C 97 -9.67 45.19 7.05
N TYR C 98 -10.57 44.94 8.01
CA TYR C 98 -10.14 44.66 9.38
C TYR C 98 -10.74 43.35 9.84
N HIS C 99 -9.90 42.49 10.41
CA HIS C 99 -10.28 41.16 10.87
C HIS C 99 -10.26 41.20 12.40
N ALA C 100 -11.47 41.30 13.00
CA ALA C 100 -11.57 41.59 14.44
C ALA C 100 -10.84 40.53 15.25
N THR C 101 -11.27 39.29 15.14
CA THR C 101 -10.76 38.23 15.99
C THR C 101 -9.25 38.11 15.84
N ALA C 102 -8.77 38.17 14.59
CA ALA C 102 -7.35 38.19 14.30
C ALA C 102 -6.67 39.45 14.83
N GLN C 103 -7.42 40.52 15.00
CA GLN C 103 -6.82 41.82 15.24
C GLN C 103 -5.83 42.16 14.13
N CYS C 104 -6.22 41.85 12.90
CA CYS C 104 -5.38 42.02 11.73
C CYS C 104 -6.02 42.96 10.72
N MET C 105 -5.17 43.61 9.92
CA MET C 105 -5.65 44.58 8.93
C MET C 105 -4.90 44.38 7.63
N THR C 106 -5.63 44.11 6.56
CA THR C 106 -5.04 43.94 5.25
C THR C 106 -5.57 45.02 4.32
N VAL C 107 -4.75 46.02 4.02
CA VAL C 107 -5.09 46.99 2.99
C VAL C 107 -4.60 46.43 1.65
N GLY C 108 -5.54 46.08 0.78
CA GLY C 108 -5.25 45.54 -0.51
C GLY C 108 -6.04 44.28 -0.78
N GLU C 109 -5.88 43.76 -1.98
CA GLU C 109 -6.54 42.52 -2.36
C GLU C 109 -5.75 41.33 -1.82
N GLN C 110 -6.47 40.37 -1.25
CA GLN C 110 -5.81 39.13 -0.79
C GLN C 110 -5.74 38.12 -1.92
N PRO C 111 -4.57 37.59 -2.25
CA PRO C 111 -4.44 36.80 -3.48
C PRO C 111 -5.24 35.53 -3.42
N ALA C 112 -5.81 35.15 -4.55
CA ALA C 112 -6.25 33.78 -4.70
C ALA C 112 -5.06 32.87 -4.40
N PRO C 113 -5.30 31.73 -3.78
CA PRO C 113 -4.19 30.86 -3.34
C PRO C 113 -3.21 30.58 -4.47
N LYS C 114 -1.93 30.71 -4.17
CA LYS C 114 -0.90 30.51 -5.18
C LYS C 114 -0.55 29.04 -5.37
N THR C 115 -0.84 28.18 -4.38
CA THR C 115 -0.46 26.80 -4.46
C THR C 115 -1.68 25.89 -4.30
N PRO C 116 -1.71 24.80 -5.08
CA PRO C 116 -2.83 23.86 -5.06
C PRO C 116 -3.24 23.19 -3.75
N GLY C 117 -2.44 23.07 -2.71
CA GLY C 117 -2.95 22.38 -1.52
C GLY C 117 -3.78 23.26 -0.57
N TYR C 118 -3.85 22.83 0.69
CA TYR C 118 -4.29 23.73 1.73
C TYR C 118 -3.54 23.48 3.03
N ILE C 119 -3.52 24.51 3.89
CA ILE C 119 -3.04 24.50 5.27
C ILE C 119 -4.25 24.29 6.18
N ALA C 120 -4.10 23.53 7.27
CA ALA C 120 -5.15 23.33 8.24
C ALA C 120 -4.72 24.00 9.53
N VAL C 121 -5.60 24.82 10.09
CA VAL C 121 -5.34 25.50 11.35
C VAL C 121 -6.23 24.86 12.41
N VAL C 122 -5.66 24.00 13.28
CA VAL C 122 -6.42 23.22 14.25
C VAL C 122 -6.31 23.89 15.61
N THR C 123 -7.41 23.92 16.34
CA THR C 123 -7.52 24.73 17.55
C THR C 123 -8.14 23.94 18.69
N ALA C 124 -7.55 24.08 19.87
CA ALA C 124 -8.00 23.32 21.04
C ALA C 124 -9.37 23.77 21.53
N GLY C 125 -9.55 25.05 21.81
CA GLY C 125 -10.82 25.54 22.31
C GLY C 125 -11.19 26.90 21.75
N THR C 126 -12.39 27.38 22.08
CA THR C 126 -12.81 28.67 21.51
C THR C 126 -11.87 29.78 21.94
N SER C 127 -11.24 29.65 23.09
CA SER C 127 -10.38 30.72 23.57
C SER C 127 -9.14 30.90 22.72
N ASP C 128 -8.84 29.97 21.83
CA ASP C 128 -7.66 30.10 20.99
C ASP C 128 -7.95 30.83 19.70
N GLN C 129 -9.20 31.14 19.43
CA GLN C 129 -9.54 31.66 18.12
C GLN C 129 -8.85 32.97 17.75
N PRO C 130 -8.49 33.87 18.67
CA PRO C 130 -7.78 35.08 18.23
C PRO C 130 -6.39 34.80 17.66
N VAL C 131 -5.56 33.99 18.34
CA VAL C 131 -4.26 33.71 17.74
C VAL C 131 -4.44 32.79 16.54
N ALA C 132 -5.43 31.89 16.59
CA ALA C 132 -5.76 31.06 15.42
C ALA C 132 -6.18 31.92 14.23
N GLU C 133 -6.91 33.02 14.47
CA GLU C 133 -7.30 33.88 13.35
C GLU C 133 -6.15 34.76 12.89
N GLU C 134 -5.21 35.09 13.77
CA GLU C 134 -3.97 35.71 13.30
C GLU C 134 -3.27 34.83 12.28
N ALA C 135 -3.23 33.52 12.54
CA ALA C 135 -2.54 32.62 11.63
C ALA C 135 -3.37 32.36 10.39
N ALA C 136 -4.67 32.15 10.55
CA ALA C 136 -5.46 31.86 9.37
C ALA C 136 -5.49 33.04 8.40
N VAL C 137 -5.34 34.26 8.90
CA VAL C 137 -5.35 35.40 8.00
C VAL C 137 -3.96 35.67 7.42
N THR C 138 -2.91 35.52 8.25
CA THR C 138 -1.55 35.63 7.72
C THR C 138 -1.32 34.60 6.62
N ALA C 139 -1.76 33.37 6.84
CA ALA C 139 -1.65 32.38 5.79
C ALA C 139 -2.37 32.85 4.54
N GLU C 140 -3.62 33.29 4.67
CA GLU C 140 -4.41 33.66 3.50
C GLU C 140 -3.82 34.87 2.78
N THR C 141 -3.41 35.91 3.53
CA THR C 141 -2.77 37.06 2.90
C THR C 141 -1.51 36.66 2.14
N PHE C 142 -0.76 35.68 2.65
CA PHE C 142 0.39 35.20 1.89
C PHE C 142 0.01 34.27 0.74
N GLY C 143 -1.27 33.96 0.53
CA GLY C 143 -1.63 33.23 -0.65
C GLY C 143 -1.84 31.76 -0.42
N ASN C 144 -2.37 31.41 0.74
CA ASN C 144 -2.54 30.02 1.12
C ASN C 144 -4.00 29.71 1.39
N ARG C 145 -4.47 28.59 0.88
CA ARG C 145 -5.79 28.05 1.20
C ARG C 145 -5.84 27.47 2.61
N VAL C 146 -6.79 27.92 3.42
CA VAL C 146 -6.81 27.59 4.84
C VAL C 146 -8.09 26.86 5.18
N GLU C 147 -7.96 25.69 5.82
CA GLU C 147 -9.09 25.02 6.44
C GLU C 147 -9.01 25.27 7.93
N ARG C 148 -10.03 25.92 8.49
CA ARG C 148 -10.11 26.15 9.94
C ARG C 148 -10.75 24.91 10.56
N VAL C 149 -10.04 24.23 11.45
CA VAL C 149 -10.68 23.14 12.18
C VAL C 149 -10.66 23.50 13.67
N TYR C 150 -11.68 24.18 14.15
CA TYR C 150 -11.60 24.79 15.46
C TYR C 150 -12.35 23.96 16.47
N ASP C 151 -12.00 24.19 17.74
CA ASP C 151 -12.62 23.56 18.89
C ASP C 151 -12.69 22.05 18.81
N VAL C 152 -11.52 21.40 18.85
CA VAL C 152 -11.46 19.95 18.89
C VAL C 152 -10.50 19.50 19.98
N GLY C 153 -10.51 20.18 21.13
CA GLY C 153 -9.59 19.87 22.21
C GLY C 153 -9.72 18.47 22.77
N VAL C 154 -8.67 18.07 23.47
CA VAL C 154 -8.55 16.71 23.98
C VAL C 154 -9.63 16.37 25.02
N ALA C 155 -10.24 17.38 25.64
CA ALA C 155 -11.38 17.12 26.54
C ALA C 155 -12.46 16.31 25.83
N GLY C 156 -12.69 16.59 24.55
CA GLY C 156 -13.58 15.79 23.73
C GLY C 156 -12.91 15.31 22.46
N ILE C 157 -11.99 14.34 22.60
CA ILE C 157 -11.14 13.89 21.49
C ILE C 157 -11.91 13.25 20.33
N HIS C 158 -13.13 12.77 20.57
CA HIS C 158 -13.97 12.33 19.45
C HIS C 158 -14.18 13.43 18.42
N ARG C 159 -14.09 14.70 18.81
CA ARG C 159 -14.25 15.76 17.83
C ARG C 159 -13.07 15.81 16.89
N LEU C 160 -11.85 15.64 17.40
CA LEU C 160 -10.67 15.56 16.53
C LEU C 160 -10.83 14.46 15.51
N PHE C 161 -11.03 13.21 15.96
CA PHE C 161 -11.14 12.08 15.05
C PHE C 161 -12.18 12.30 13.95
N ALA C 162 -13.22 13.11 14.23
CA ALA C 162 -14.21 13.47 13.22
C ALA C 162 -13.58 14.19 12.04
N LYS C 163 -12.80 15.25 12.31
CA LYS C 163 -12.19 16.07 11.29
C LYS C 163 -10.77 15.61 10.96
N LEU C 164 -10.41 14.40 11.35
CA LEU C 164 -9.05 13.90 11.16
C LEU C 164 -8.73 13.62 9.68
N ASP C 165 -9.72 13.23 8.87
CA ASP C 165 -9.48 13.11 7.44
C ASP C 165 -9.08 14.44 6.82
N VAL C 166 -9.85 15.50 7.11
CA VAL C 166 -9.51 16.81 6.56
C VAL C 166 -8.10 17.19 6.95
N ILE C 167 -7.76 16.97 8.22
CA ILE C 167 -6.45 17.35 8.70
C ILE C 167 -5.38 16.62 7.94
N ARG C 168 -5.56 15.31 7.73
CA ARG C 168 -4.55 14.51 7.07
C ARG C 168 -4.34 14.92 5.62
N GLY C 169 -5.33 15.54 5.01
CA GLY C 169 -5.18 16.08 3.67
C GLY C 169 -4.40 17.38 3.57
N ALA C 170 -3.92 17.93 4.66
CA ALA C 170 -3.26 19.22 4.57
C ALA C 170 -1.80 19.03 4.21
N ARG C 171 -1.22 20.04 3.57
CA ARG C 171 0.21 20.07 3.36
C ARG C 171 0.92 20.48 4.65
N VAL C 172 0.34 21.44 5.38
CA VAL C 172 0.89 21.85 6.67
C VAL C 172 -0.24 21.93 7.67
N VAL C 173 0.07 21.63 8.92
CA VAL C 173 -0.93 21.63 9.99
C VAL C 173 -0.45 22.56 11.09
N ILE C 174 -1.09 23.72 11.21
CA ILE C 174 -0.91 24.56 12.37
C ILE C 174 -1.85 24.05 13.46
N VAL C 175 -1.27 23.72 14.62
CA VAL C 175 -2.04 23.35 15.82
C VAL C 175 -1.89 24.47 16.83
N ILE C 176 -3.01 24.98 17.33
CA ILE C 176 -2.99 26.04 18.31
C ILE C 176 -3.62 25.48 19.57
N ALA C 177 -3.08 25.81 20.73
CA ALA C 177 -3.57 25.19 21.95
C ALA C 177 -3.22 26.04 23.16
N GLY C 178 -4.11 26.05 24.15
CA GLY C 178 -3.85 26.69 25.41
C GLY C 178 -3.54 25.68 26.51
N MET C 179 -3.60 26.19 27.74
CA MET C 179 -3.46 25.42 28.96
C MET C 179 -2.31 24.43 28.92
N GLU C 180 -2.63 23.15 28.79
CA GLU C 180 -1.60 22.13 28.81
C GLU C 180 -0.98 21.84 27.44
N GLY C 181 -1.54 22.34 26.35
CA GLY C 181 -0.92 22.11 25.05
C GLY C 181 -0.94 20.68 24.54
N ALA C 182 -1.73 19.82 25.16
CA ALA C 182 -1.74 18.40 24.80
C ALA C 182 -2.16 18.14 23.36
N LEU C 183 -3.06 18.96 22.80
CA LEU C 183 -3.57 18.70 21.45
C LEU C 183 -2.44 18.53 20.45
N ALA C 184 -1.43 19.39 20.52
CA ALA C 184 -0.24 19.29 19.68
C ALA C 184 0.25 17.85 19.56
N SER C 185 0.54 17.21 20.69
CA SER C 185 1.10 15.85 20.67
C SER C 185 0.13 14.84 20.10
N VAL C 186 -1.14 14.90 20.47
CA VAL C 186 -2.12 14.03 19.86
C VAL C 186 -2.02 14.13 18.34
N VAL C 187 -2.18 15.35 17.80
CA VAL C 187 -2.20 15.59 16.35
C VAL C 187 -0.88 15.14 15.70
N GLY C 188 0.26 15.51 16.29
CA GLY C 188 1.52 15.16 15.67
C GLY C 188 1.72 13.66 15.58
N GLY C 189 1.21 12.93 16.55
CA GLY C 189 1.32 11.51 16.49
C GLY C 189 0.24 10.84 15.73
N LEU C 190 -0.55 11.61 15.00
CA LEU C 190 -1.67 11.08 14.23
C LEU C 190 -1.66 11.58 12.80
N VAL C 191 -0.77 12.50 12.44
CA VAL C 191 -0.60 12.87 11.05
C VAL C 191 0.87 12.78 10.69
N ASP C 192 1.11 12.39 9.44
CA ASP C 192 2.43 12.25 8.85
C ASP C 192 2.78 13.45 7.98
N LYS C 193 2.33 14.64 8.36
CA LYS C 193 2.62 15.88 7.63
C LYS C 193 3.28 16.90 8.56
N PRO C 194 4.03 17.89 8.08
CA PRO C 194 4.60 18.88 9.00
C PRO C 194 3.54 19.46 9.93
N VAL C 195 3.86 19.49 11.23
CA VAL C 195 3.00 20.13 12.22
C VAL C 195 3.79 21.22 12.90
N ILE C 196 3.31 22.46 12.81
CA ILE C 196 3.86 23.61 13.54
C ILE C 196 2.89 23.92 14.67
N ALA C 197 3.39 23.97 15.91
CA ALA C 197 2.52 24.11 17.07
C ALA C 197 2.63 25.50 17.69
N VAL C 198 1.49 26.14 17.94
CA VAL C 198 1.48 27.48 18.51
C VAL C 198 0.92 27.40 19.93
N PRO C 199 1.74 27.59 20.98
CA PRO C 199 1.19 27.71 22.34
C PRO C 199 0.51 29.06 22.51
N THR C 200 -0.60 29.11 23.25
CA THR C 200 -1.28 30.38 23.48
C THR C 200 -1.27 30.70 24.96
N SER C 201 -1.36 31.99 25.28
CA SER C 201 -1.33 32.45 26.66
C SER C 201 -2.73 32.54 27.27
N VAL C 202 -3.46 31.44 27.28
CA VAL C 202 -4.83 31.50 27.85
C VAL C 202 -4.88 30.45 28.95
N GLY C 203 -5.30 30.83 30.14
CA GLY C 203 -5.35 29.90 31.28
C GLY C 203 -5.31 30.65 32.58
N TYR C 204 -5.60 29.98 33.68
CA TYR C 204 -5.65 30.67 34.98
C TYR C 204 -4.26 30.78 35.63
N GLY C 205 -4.02 29.92 36.62
CA GLY C 205 -2.83 29.96 37.50
C GLY C 205 -1.49 29.69 36.86
N THR C 206 -1.06 28.44 36.88
CA THR C 206 0.28 28.07 36.41
C THR C 206 0.37 27.82 34.92
N SER C 207 -0.71 28.09 34.16
CA SER C 207 -0.55 28.21 32.72
C SER C 207 0.61 29.14 32.43
N PHE C 208 0.67 30.25 33.16
CA PHE C 208 1.78 31.19 33.16
C PHE C 208 1.97 31.82 31.79
N GLN C 209 0.87 32.33 31.25
CA GLN C 209 0.91 33.10 30.02
C GLN C 209 1.45 32.27 28.86
N GLY C 210 1.27 30.96 28.92
CA GLY C 210 1.59 30.06 27.83
C GLY C 210 2.80 29.17 28.04
N MET C 211 3.50 29.28 29.17
CA MET C 211 4.70 28.47 29.37
C MET C 211 4.40 26.98 29.34
N THR C 212 3.33 26.56 30.02
CA THR C 212 3.10 25.12 30.13
C THR C 212 2.69 24.52 28.81
N ALA C 213 1.88 25.25 28.04
CA ALA C 213 1.60 24.86 26.66
C ALA C 213 2.88 24.76 25.84
N LEU C 214 3.64 25.86 25.79
CA LEU C 214 4.94 25.88 25.12
C LEU C 214 5.82 24.68 25.52
N LEU C 215 6.00 24.47 26.84
CA LEU C 215 6.89 23.40 27.30
C LEU C 215 6.36 22.02 26.95
N THR C 216 5.03 21.82 27.10
CA THR C 216 4.40 20.58 26.65
C THR C 216 4.67 20.35 25.17
N MET C 217 4.28 21.32 24.34
CA MET C 217 4.38 21.13 22.89
C MET C 217 5.82 20.77 22.50
N LEU C 218 6.79 21.45 23.08
CA LEU C 218 8.19 21.19 22.84
C LEU C 218 8.58 19.76 23.12
N ASN C 219 7.99 19.13 24.13
CA ASN C 219 8.39 17.78 24.52
C ASN C 219 7.76 16.70 23.65
N SER C 220 7.32 17.03 22.43
CA SER C 220 6.69 16.03 21.56
C SER C 220 7.01 16.34 20.10
N CYS C 221 8.27 16.71 19.86
CA CYS C 221 8.72 17.07 18.53
C CYS C 221 9.20 15.89 17.72
N ALA C 222 9.65 14.82 18.39
CA ALA C 222 9.92 13.55 17.71
C ALA C 222 8.77 13.04 16.85
N SER C 223 7.55 13.47 17.14
CA SER C 223 6.42 13.07 16.32
C SER C 223 6.31 13.86 15.01
N GLY C 224 7.29 14.71 14.71
CA GLY C 224 7.23 15.62 13.57
C GLY C 224 6.53 16.93 13.92
N ILE C 225 7.01 17.57 14.97
CA ILE C 225 6.43 18.83 15.41
C ILE C 225 7.57 19.83 15.59
N THR C 226 7.35 21.03 15.07
CA THR C 226 8.16 22.19 15.43
C THR C 226 7.24 23.22 16.07
N VAL C 227 7.85 24.12 16.83
CA VAL C 227 7.13 24.99 17.76
C VAL C 227 7.56 26.44 17.55
N VAL C 228 6.61 27.36 17.66
CA VAL C 228 6.88 28.78 17.68
C VAL C 228 6.71 29.32 19.08
N ASN C 229 6.91 30.63 19.23
CA ASN C 229 6.76 31.35 20.49
C ASN C 229 5.28 31.56 20.88
N ILE C 230 5.07 31.78 22.17
CA ILE C 230 3.71 31.95 22.70
C ILE C 230 2.97 33.05 21.95
N ASP C 231 1.79 32.70 21.43
CA ASP C 231 0.82 33.58 20.74
C ASP C 231 1.23 33.94 19.31
N ASN C 232 2.25 33.31 18.76
CA ASN C 232 2.82 33.70 17.46
C ASN C 232 2.09 33.02 16.31
N GLY C 233 0.81 33.36 16.15
CA GLY C 233 0.10 32.85 14.99
C GLY C 233 0.73 33.31 13.69
N PHE C 234 1.19 34.55 13.65
CA PHE C 234 1.83 35.08 12.46
C PHE C 234 2.96 34.17 12.02
N GLY C 235 3.99 34.05 12.86
CA GLY C 235 5.17 33.26 12.55
C GLY C 235 4.89 31.82 12.13
N ALA C 236 4.04 31.13 12.86
CA ALA C 236 3.61 29.81 12.43
C ALA C 236 3.11 29.84 11.00
N ALA C 237 2.14 30.69 10.69
CA ALA C 237 1.66 30.77 9.31
C ALA C 237 2.78 31.22 8.36
N TYR C 238 3.70 32.03 8.84
CA TYR C 238 4.78 32.41 7.96
C TYR C 238 5.54 31.17 7.50
N SER C 239 6.12 30.41 8.43
CA SER C 239 6.77 29.14 8.08
C SER C 239 5.84 28.21 7.30
N ALA C 240 4.58 28.09 7.72
CA ALA C 240 3.64 27.17 7.08
C ALA C 240 3.51 27.49 5.60
N SER C 241 3.28 28.77 5.29
CA SER C 241 3.20 29.26 3.92
C SER C 241 4.35 28.80 3.04
N MET C 242 5.58 28.92 3.55
CA MET C 242 6.79 28.55 2.81
C MET C 242 6.83 27.06 2.51
N VAL C 243 6.62 26.26 3.57
CA VAL C 243 6.41 24.81 3.43
C VAL C 243 5.40 24.53 2.33
N ASN C 244 4.26 25.22 2.38
CA ASN C 244 3.17 24.85 1.51
C ASN C 244 3.50 25.16 0.05
N GLN C 245 4.18 26.28 -0.21
CA GLN C 245 4.45 26.72 -1.59
C GLN C 245 5.85 26.29 -2.04
N MET C 246 6.10 24.98 -2.05
CA MET C 246 7.32 24.39 -2.59
C MET C 246 6.95 23.47 -3.79
N ALA C 247 7.96 22.79 -4.38
CA ALA C 247 7.82 22.06 -5.66
C ALA C 247 7.12 20.71 -5.54
N SER C 248 5.76 20.73 -5.58
CA SER C 248 4.86 19.57 -5.56
C SER C 248 3.46 20.04 -5.99
N TRP C 249 2.80 19.27 -6.88
CA TRP C 249 1.67 19.75 -7.71
C TRP C 249 1.92 21.09 -8.40
N SER C 250 3.17 21.59 -8.37
CA SER C 250 3.59 22.75 -9.15
C SER C 250 4.96 22.29 -9.66
N GLN D 43 -0.30 2.73 8.75
CA GLN D 43 0.72 3.63 8.21
C GLN D 43 1.86 2.81 7.61
N ARG D 44 1.54 1.60 7.15
CA ARG D 44 2.53 0.71 6.52
C ARG D 44 2.81 1.06 5.06
N ARG D 45 2.88 2.37 4.72
CA ARG D 45 3.13 2.84 3.35
C ARG D 45 4.06 4.05 3.25
N ASN D 46 4.16 4.91 4.27
CA ASN D 46 5.09 6.04 4.21
C ASN D 46 6.53 5.54 4.23
N GLY D 47 7.40 6.25 3.51
CA GLY D 47 8.75 5.75 3.28
C GLY D 47 9.72 6.08 4.38
N PHE D 48 9.21 6.29 5.59
CA PHE D 48 10.06 6.59 6.72
C PHE D 48 10.77 5.32 7.20
N PRO D 49 12.06 5.36 7.42
CA PRO D 49 12.74 4.27 8.13
C PRO D 49 12.30 4.21 9.58
N GLU D 50 12.65 3.11 10.20
CA GLU D 50 12.33 2.88 11.60
C GLU D 50 13.45 3.44 12.48
N VAL D 51 13.06 4.09 13.57
CA VAL D 51 13.96 4.86 14.40
C VAL D 51 14.02 4.21 15.77
N ILE D 52 15.24 3.94 16.22
CA ILE D 52 15.48 3.31 17.52
C ILE D 52 16.02 4.37 18.44
N TYR D 53 15.39 4.52 19.59
CA TYR D 53 15.81 5.49 20.59
C TYR D 53 16.69 4.75 21.57
N GLY D 54 17.99 4.76 21.30
CA GLY D 54 18.94 4.02 22.12
C GLY D 54 19.36 4.67 23.42
N ALA D 55 18.53 5.56 23.95
CA ALA D 55 18.83 6.21 25.23
C ALA D 55 18.35 5.37 26.40
N GLY D 56 17.16 4.80 26.32
CA GLY D 56 16.64 4.01 27.42
C GLY D 56 16.92 2.53 27.27
N LYS D 57 17.02 2.05 26.02
CA LYS D 57 17.09 0.62 25.75
C LYS D 57 18.51 0.09 25.90
N THR D 58 18.62 -1.14 26.38
CA THR D 58 19.89 -1.81 26.63
C THR D 58 20.38 -2.53 25.38
N ALA D 59 21.72 -2.64 25.28
CA ALA D 59 22.35 -3.31 24.15
C ALA D 59 21.71 -4.64 23.83
N THR D 60 21.56 -5.52 24.84
CA THR D 60 20.95 -6.82 24.58
C THR D 60 19.52 -6.68 24.06
N GLN D 61 18.85 -5.56 24.34
CA GLN D 61 17.44 -5.39 23.99
C GLN D 61 17.24 -4.71 22.64
N ILE D 62 18.19 -3.90 22.19
CA ILE D 62 18.09 -3.22 20.90
C ILE D 62 18.20 -4.24 19.76
N VAL D 63 19.19 -5.12 19.82
CA VAL D 63 19.37 -6.13 18.79
C VAL D 63 18.10 -6.97 18.64
N GLY D 64 17.45 -7.32 19.77
CA GLY D 64 16.26 -8.16 19.71
C GLY D 64 15.12 -7.58 18.89
N ILE D 65 15.07 -6.26 18.76
CA ILE D 65 14.01 -5.61 17.99
C ILE D 65 14.45 -5.29 16.57
N VAL D 66 15.76 -5.18 16.31
CA VAL D 66 16.28 -4.98 14.95
C VAL D 66 16.13 -6.24 14.10
N GLN D 67 16.12 -7.41 14.74
CA GLN D 67 15.88 -8.68 14.05
C GLN D 67 14.39 -8.92 13.75
N ALA D 68 13.51 -8.01 14.18
CA ALA D 68 12.09 -8.07 13.87
C ALA D 68 11.72 -7.29 12.62
N LEU D 69 12.68 -6.62 12.01
CA LEU D 69 12.42 -5.83 10.81
C LEU D 69 13.25 -6.34 9.64
N SER D 70 13.21 -7.66 9.41
CA SER D 70 13.99 -8.23 8.31
C SER D 70 13.31 -8.04 6.95
N GLN D 71 11.98 -7.83 6.95
CA GLN D 71 11.22 -7.53 5.74
C GLN D 71 11.18 -6.03 5.44
N GLN D 72 12.30 -5.33 5.68
CA GLN D 72 12.35 -3.88 5.51
C GLN D 72 12.77 -3.51 4.09
N THR D 73 14.02 -3.82 3.75
CA THR D 73 14.71 -3.31 2.57
C THR D 73 14.83 -1.78 2.60
N LEU D 74 14.62 -1.17 3.76
CA LEU D 74 14.83 0.24 4.04
C LEU D 74 15.59 0.36 5.36
N PRO D 75 16.44 1.39 5.52
CA PRO D 75 17.40 1.38 6.62
C PRO D 75 16.72 1.50 7.98
N ILE D 76 17.48 1.19 9.03
CA ILE D 76 16.98 1.30 10.41
C ILE D 76 17.93 2.18 11.21
N LEU D 77 17.36 3.11 11.96
CA LEU D 77 18.13 4.17 12.57
C LEU D 77 18.08 4.07 14.08
N THR D 78 19.26 4.05 14.69
CA THR D 78 19.43 4.03 16.13
C THR D 78 20.09 5.33 16.53
N THR D 79 19.47 6.08 17.44
CA THR D 79 19.92 7.40 17.83
C THR D 79 20.41 7.37 19.27
N ARG D 80 21.30 8.30 19.60
CA ARG D 80 21.92 8.38 20.92
C ARG D 80 22.36 7.00 21.40
N LEU D 81 23.14 6.31 20.56
CA LEU D 81 23.66 4.98 20.88
C LEU D 81 25.06 5.14 21.45
N SER D 82 25.18 5.07 22.77
CA SER D 82 26.48 5.24 23.40
C SER D 82 27.47 4.24 22.82
N ALA D 83 28.76 4.60 22.89
CA ALA D 83 29.80 3.71 22.38
C ALA D 83 29.95 2.43 23.21
N GLU D 84 29.44 2.44 24.45
CA GLU D 84 29.40 1.24 25.28
C GLU D 84 28.26 0.30 24.90
N LYS D 85 27.16 0.83 24.33
CA LYS D 85 26.07 0.00 23.87
C LYS D 85 26.30 -0.56 22.47
N PHE D 86 27.21 0.05 21.70
CA PHE D 86 27.53 -0.47 20.38
C PHE D 86 28.71 -1.42 20.39
N ALA D 87 29.68 -1.20 21.29
CA ALA D 87 30.68 -2.23 21.55
C ALA D 87 30.01 -3.56 21.84
N ALA D 88 29.05 -3.57 22.78
CA ALA D 88 28.33 -4.79 23.10
C ALA D 88 27.66 -5.45 21.89
N LEU D 89 27.38 -4.70 20.82
CA LEU D 89 26.68 -5.21 19.64
C LEU D 89 27.55 -5.21 18.38
N GLN D 90 28.81 -4.81 18.48
CA GLN D 90 29.68 -4.88 17.31
C GLN D 90 29.83 -6.30 16.75
N PRO D 91 30.04 -7.36 17.56
CA PRO D 91 29.97 -8.71 17.00
C PRO D 91 28.56 -9.19 16.70
N ALA D 92 27.55 -8.52 17.22
CA ALA D 92 26.15 -8.96 17.06
C ALA D 92 25.50 -8.45 15.78
N LEU D 93 25.96 -7.32 15.25
CA LEU D 93 25.49 -6.80 13.96
C LEU D 93 26.72 -6.40 13.16
N PRO D 94 27.40 -7.37 12.53
CA PRO D 94 28.63 -7.06 11.79
C PRO D 94 28.39 -6.14 10.60
N THR D 95 27.14 -6.00 10.15
CA THR D 95 26.79 -5.13 9.04
C THR D 95 26.39 -3.73 9.50
N ALA D 96 26.28 -3.50 10.81
CA ALA D 96 25.84 -2.22 11.31
C ALA D 96 26.97 -1.20 11.22
N VAL D 97 26.60 0.03 10.91
CA VAL D 97 27.54 1.15 10.84
C VAL D 97 27.26 2.08 12.02
N TYR D 98 28.30 2.76 12.48
CA TYR D 98 28.22 3.61 13.67
C TYR D 98 28.88 4.95 13.35
N HIS D 99 28.11 6.02 13.44
CA HIS D 99 28.61 7.37 13.27
C HIS D 99 28.96 7.91 14.65
N ALA D 100 30.24 7.80 15.03
CA ALA D 100 30.66 8.14 16.39
C ALA D 100 30.20 9.54 16.79
N THR D 101 30.47 10.52 15.93
CA THR D 101 30.14 11.91 16.25
C THR D 101 28.63 12.09 16.49
N ALA D 102 27.78 11.33 15.78
CA ALA D 102 26.34 11.49 15.93
C ALA D 102 25.75 10.66 17.07
N GLN D 103 26.48 9.65 17.53
CA GLN D 103 25.93 8.59 18.39
C GLN D 103 24.71 7.93 17.73
N CYS D 104 24.90 7.56 16.45
CA CYS D 104 23.87 6.96 15.61
C CYS D 104 24.40 5.71 14.93
N MET D 105 23.50 4.73 14.76
CA MET D 105 23.80 3.47 14.06
C MET D 105 22.73 3.19 13.01
N THR D 106 23.18 2.95 11.78
CA THR D 106 22.30 2.57 10.67
C THR D 106 22.60 1.12 10.25
N VAL D 107 21.55 0.30 10.16
CA VAL D 107 21.64 -1.04 9.61
C VAL D 107 20.91 -1.06 8.27
N GLY D 108 21.66 -1.31 7.20
CA GLY D 108 21.17 -1.27 5.84
C GLY D 108 21.99 -0.30 5.00
N GLU D 109 21.86 -0.48 3.69
CA GLU D 109 22.44 0.47 2.75
C GLU D 109 21.67 1.78 2.82
N GLN D 110 22.37 2.89 3.03
CA GLN D 110 21.71 4.20 3.08
C GLN D 110 21.12 4.51 1.71
N PRO D 111 19.89 5.01 1.63
CA PRO D 111 19.23 5.12 0.32
C PRO D 111 19.74 6.32 -0.45
N ALA D 112 19.80 6.15 -1.77
CA ALA D 112 20.19 7.24 -2.65
C ALA D 112 19.26 8.43 -2.46
N PRO D 113 19.75 9.67 -2.65
CA PRO D 113 18.90 10.84 -2.43
C PRO D 113 17.64 10.67 -3.23
N LYS D 114 16.51 10.63 -2.52
CA LYS D 114 15.22 10.46 -3.17
C LYS D 114 14.88 11.66 -4.03
N THR D 115 15.33 12.84 -3.64
CA THR D 115 14.89 14.14 -4.11
C THR D 115 16.10 14.98 -4.52
N PRO D 116 15.95 15.84 -5.53
CA PRO D 116 17.14 16.52 -6.08
C PRO D 116 17.81 17.50 -5.12
N GLY D 117 17.04 18.37 -4.45
CA GLY D 117 17.62 19.30 -3.49
C GLY D 117 18.19 18.69 -2.22
N TYR D 118 18.64 19.53 -1.32
CA TYR D 118 19.31 19.04 -0.13
C TYR D 118 18.80 19.79 1.10
N ILE D 119 19.33 19.40 2.26
CA ILE D 119 19.09 20.03 3.54
C ILE D 119 20.42 20.57 3.99
N ALA D 120 20.51 21.87 4.20
CA ALA D 120 21.69 22.46 4.79
C ALA D 120 21.60 22.35 6.31
N VAL D 121 22.69 21.95 6.95
CA VAL D 121 22.72 21.78 8.40
C VAL D 121 23.82 22.66 8.96
N VAL D 122 23.44 23.78 9.59
CA VAL D 122 24.35 24.84 9.97
C VAL D 122 24.55 24.84 11.48
N THR D 123 25.80 24.78 11.91
CA THR D 123 26.14 24.69 13.31
C THR D 123 26.89 25.95 13.74
N ALA D 124 26.71 26.33 15.00
CA ALA D 124 27.32 27.57 15.48
C ALA D 124 28.81 27.40 15.64
N GLY D 125 29.23 26.32 16.30
CA GLY D 125 30.63 26.03 16.52
C GLY D 125 30.86 24.55 16.67
N THR D 126 32.11 24.20 17.00
CA THR D 126 32.49 22.79 17.03
C THR D 126 31.75 22.05 18.13
N SER D 127 31.62 22.66 19.30
CA SER D 127 30.93 22.02 20.42
C SER D 127 29.51 21.59 20.08
N ASP D 128 28.95 22.05 18.97
CA ASP D 128 27.59 21.68 18.60
C ASP D 128 27.51 20.35 17.85
N GLN D 129 28.63 19.84 17.34
CA GLN D 129 28.61 18.73 16.39
C GLN D 129 27.90 17.46 16.86
N PRO D 130 27.88 17.08 18.14
CA PRO D 130 27.07 15.93 18.55
C PRO D 130 25.63 15.97 18.07
N VAL D 131 24.85 16.97 18.50
CA VAL D 131 23.48 17.04 18.02
C VAL D 131 23.44 17.49 16.57
N ALA D 132 24.38 18.36 16.16
CA ALA D 132 24.50 18.73 14.76
C ALA D 132 24.53 17.49 13.88
N GLU D 133 25.33 16.49 14.27
CA GLU D 133 25.53 15.34 13.40
C GLU D 133 24.39 14.35 13.49
N GLU D 134 23.79 14.21 14.68
CA GLU D 134 22.60 13.35 14.81
C GLU D 134 21.50 13.78 13.86
N ALA D 135 21.27 15.08 13.75
CA ALA D 135 20.37 15.61 12.74
C ALA D 135 20.78 15.16 11.34
N ALA D 136 22.02 15.45 10.95
CA ALA D 136 22.40 15.28 9.55
C ALA D 136 22.35 13.81 9.13
N VAL D 137 22.80 12.89 9.98
CA VAL D 137 22.75 11.49 9.62
C VAL D 137 21.32 11.02 9.46
N THR D 138 20.42 11.54 10.32
CA THR D 138 19.00 11.18 10.22
C THR D 138 18.41 11.62 8.89
N ALA D 139 18.75 12.84 8.45
CA ALA D 139 18.26 13.29 7.16
C ALA D 139 18.76 12.41 6.02
N GLU D 140 20.03 12.02 6.06
CA GLU D 140 20.55 11.12 5.05
C GLU D 140 19.84 9.78 5.11
N THR D 141 19.82 9.16 6.31
CA THR D 141 19.04 7.93 6.50
C THR D 141 17.65 8.06 5.91
N PHE D 142 17.03 9.23 6.01
CA PHE D 142 15.66 9.37 5.56
C PHE D 142 15.54 9.66 4.09
N GLY D 143 16.65 9.66 3.37
CA GLY D 143 16.64 9.86 1.95
C GLY D 143 17.01 11.26 1.49
N ASN D 144 17.45 12.12 2.40
CA ASN D 144 17.75 13.49 2.04
C ASN D 144 19.23 13.63 1.79
N ARG D 145 19.56 14.41 0.78
CA ARG D 145 20.91 14.91 0.61
C ARG D 145 21.13 16.05 1.59
N VAL D 146 22.29 16.04 2.21
CA VAL D 146 22.61 16.90 3.34
C VAL D 146 23.91 17.63 3.04
N GLU D 147 23.96 18.90 3.39
CA GLU D 147 25.14 19.72 3.16
C GLU D 147 25.44 20.35 4.51
N ARG D 148 26.49 19.86 5.16
CA ARG D 148 26.96 20.42 6.41
C ARG D 148 27.64 21.76 6.19
N VAL D 149 27.28 22.76 6.99
CA VAL D 149 27.95 24.07 6.98
C VAL D 149 28.32 24.39 8.42
N TYR D 150 29.49 23.94 8.85
CA TYR D 150 29.83 24.00 10.26
C TYR D 150 30.69 25.20 10.59
N ASP D 151 30.68 25.56 11.87
CA ASP D 151 31.44 26.69 12.39
C ASP D 151 31.26 27.94 11.56
N VAL D 152 30.13 28.63 11.73
CA VAL D 152 29.87 29.89 11.06
C VAL D 152 29.26 30.88 12.05
N GLY D 153 29.52 30.69 13.34
CA GLY D 153 29.01 31.54 14.39
C GLY D 153 29.23 33.01 14.15
N VAL D 154 28.29 33.85 14.61
CA VAL D 154 28.31 35.28 14.29
C VAL D 154 29.36 36.08 15.04
N ALA D 155 30.19 35.45 15.87
CA ALA D 155 31.39 36.13 16.30
C ALA D 155 32.29 36.37 15.10
N GLY D 156 32.64 35.28 14.40
CA GLY D 156 33.31 35.32 13.11
C GLY D 156 32.35 35.21 11.94
N ILE D 157 31.49 36.22 11.81
CA ILE D 157 30.39 36.21 10.85
C ILE D 157 30.86 36.08 9.41
N HIS D 158 32.10 36.45 9.11
CA HIS D 158 32.55 36.36 7.72
C HIS D 158 32.48 34.91 7.24
N ARG D 159 32.61 33.95 8.16
CA ARG D 159 32.53 32.54 7.80
C ARG D 159 31.15 32.15 7.31
N LEU D 160 30.11 32.80 7.83
CA LEU D 160 28.76 32.59 7.32
C LEU D 160 28.66 33.00 5.86
N PHE D 161 28.80 34.31 5.60
CA PHE D 161 28.68 34.82 4.24
C PHE D 161 29.53 34.04 3.24
N ALA D 162 30.63 33.45 3.70
CA ALA D 162 31.36 32.50 2.88
C ALA D 162 30.43 31.44 2.29
N LYS D 163 29.77 30.67 3.16
CA LYS D 163 28.92 29.57 2.74
C LYS D 163 27.45 29.98 2.55
N LEU D 164 27.17 31.29 2.46
CA LEU D 164 25.78 31.75 2.40
C LEU D 164 25.08 31.30 1.12
N ASP D 165 25.80 31.27 -0.01
CA ASP D 165 25.20 30.76 -1.25
C ASP D 165 24.81 29.30 -1.11
N VAL D 166 25.57 28.54 -0.34
CA VAL D 166 25.19 27.14 -0.07
C VAL D 166 23.87 27.09 0.69
N ILE D 167 23.77 27.89 1.76
CA ILE D 167 22.56 27.88 2.57
C ILE D 167 21.35 28.33 1.75
N ARG D 168 21.46 29.44 1.03
CA ARG D 168 20.30 29.96 0.34
C ARG D 168 19.76 28.96 -0.66
N GLY D 169 20.63 28.06 -1.14
CA GLY D 169 20.26 27.08 -2.13
C GLY D 169 19.54 25.86 -1.61
N ALA D 170 19.51 25.64 -0.29
CA ALA D 170 18.82 24.47 0.24
C ALA D 170 17.29 24.67 0.22
N ARG D 171 16.57 23.54 0.33
CA ARG D 171 15.11 23.57 0.43
C ARG D 171 14.68 23.74 1.88
N VAL D 172 15.48 23.24 2.84
CA VAL D 172 15.27 23.42 4.28
C VAL D 172 16.60 23.81 4.90
N VAL D 173 16.57 24.44 6.08
CA VAL D 173 17.79 24.77 6.80
C VAL D 173 17.65 24.45 8.27
N ILE D 174 18.53 23.60 8.80
CA ILE D 174 18.57 23.31 10.21
C ILE D 174 19.68 24.17 10.80
N VAL D 175 19.40 24.83 11.93
CA VAL D 175 20.38 25.65 12.63
C VAL D 175 20.54 25.11 14.04
N ILE D 176 21.72 24.61 14.35
CA ILE D 176 22.07 24.16 15.69
C ILE D 176 22.97 25.21 16.32
N ALA D 177 22.74 25.50 17.61
CA ALA D 177 23.55 26.44 18.37
C ALA D 177 23.26 26.25 19.85
N GLY D 178 24.20 26.70 20.68
CA GLY D 178 24.05 26.60 22.12
C GLY D 178 24.38 27.90 22.84
N MET D 179 25.67 28.13 23.06
CA MET D 179 26.13 29.41 23.59
C MET D 179 25.60 30.55 22.74
N GLU D 180 25.81 30.45 21.42
CA GLU D 180 25.44 31.48 20.45
C GLU D 180 24.10 31.13 19.80
N GLY D 181 23.05 31.17 20.62
CA GLY D 181 21.68 30.94 20.14
C GLY D 181 21.20 31.92 19.10
N ALA D 182 21.87 33.06 18.98
CA ALA D 182 21.51 34.09 18.02
C ALA D 182 21.74 33.71 16.58
N LEU D 183 22.45 32.63 16.29
CA LEU D 183 22.76 32.37 14.90
C LEU D 183 21.52 31.95 14.13
N ALA D 184 20.49 31.51 14.85
CA ALA D 184 19.20 31.22 14.20
C ALA D 184 18.63 32.45 13.54
N SER D 185 18.71 33.61 14.21
CA SER D 185 18.18 34.85 13.65
C SER D 185 18.98 35.32 12.44
N VAL D 186 20.30 35.46 12.59
CA VAL D 186 21.11 35.89 11.46
C VAL D 186 20.80 35.04 10.23
N VAL D 187 20.50 33.76 10.43
CA VAL D 187 20.22 32.89 9.27
C VAL D 187 18.79 33.11 8.80
N GLY D 188 17.84 33.11 9.73
CA GLY D 188 16.46 33.24 9.31
C GLY D 188 16.16 34.51 8.56
N GLY D 189 17.02 35.53 8.71
CA GLY D 189 16.91 36.82 8.07
C GLY D 189 17.81 36.99 6.88
N LEU D 190 18.47 35.91 6.43
CA LEU D 190 19.29 35.89 5.23
C LEU D 190 18.79 34.93 4.18
N VAL D 191 17.92 33.99 4.54
CA VAL D 191 17.43 32.96 3.64
C VAL D 191 15.92 33.02 3.63
N ASP D 192 15.31 32.74 2.48
CA ASP D 192 13.86 32.75 2.42
C ASP D 192 13.31 31.33 2.22
N LYS D 193 13.82 30.38 3.00
CA LYS D 193 13.41 28.99 3.07
C LYS D 193 13.20 28.60 4.53
N PRO D 194 12.47 27.50 4.80
CA PRO D 194 12.19 27.13 6.19
C PRO D 194 13.45 26.87 6.97
N VAL D 195 13.53 27.48 8.15
CA VAL D 195 14.63 27.27 9.07
C VAL D 195 14.06 26.54 10.28
N ILE D 196 14.72 25.47 10.73
CA ILE D 196 14.32 24.83 11.97
C ILE D 196 15.51 24.94 12.90
N ALA D 197 15.31 25.52 14.09
CA ALA D 197 16.41 25.78 15.01
C ALA D 197 16.40 24.78 16.17
N VAL D 198 17.58 24.25 16.49
CA VAL D 198 17.84 23.20 17.48
C VAL D 198 18.78 23.80 18.53
N PRO D 199 18.31 24.07 19.75
CA PRO D 199 19.20 24.61 20.77
C PRO D 199 19.85 23.48 21.54
N THR D 200 21.14 23.65 21.84
CA THR D 200 21.91 22.64 22.54
C THR D 200 22.31 23.12 23.92
N SER D 201 22.85 22.20 24.73
CA SER D 201 23.35 22.51 26.08
C SER D 201 24.86 22.34 26.09
N VAL D 202 25.58 23.29 25.49
CA VAL D 202 27.04 23.31 25.57
C VAL D 202 27.54 24.65 26.12
N TYR D 204 28.47 27.30 27.97
CA TYR D 204 29.08 27.31 29.30
C TYR D 204 28.12 27.85 30.37
N GLY D 205 28.47 29.00 30.94
CA GLY D 205 27.84 29.46 32.17
C GLY D 205 26.34 29.67 32.15
N THR D 206 25.93 30.86 31.74
CA THR D 206 24.54 31.30 31.74
C THR D 206 23.73 30.73 30.55
N SER D 207 24.28 29.75 29.82
CA SER D 207 23.51 29.02 28.80
C SER D 207 22.34 28.27 29.40
N PHE D 208 22.33 28.10 30.72
CA PHE D 208 21.28 27.38 31.44
C PHE D 208 21.00 26.02 30.81
N GLN D 209 22.07 25.38 30.32
CA GLN D 209 21.97 24.06 29.70
C GLN D 209 21.03 24.09 28.50
N GLY D 210 21.18 25.13 27.67
CA GLY D 210 20.36 25.30 26.50
C GLY D 210 19.08 26.08 26.68
N MET D 211 18.61 26.28 27.91
CA MET D 211 17.33 26.95 28.06
C MET D 211 17.40 28.35 27.47
N THR D 212 18.55 29.02 27.53
CA THR D 212 18.67 30.37 26.96
C THR D 212 18.70 30.31 25.43
N ALA D 213 19.48 29.38 24.89
CA ALA D 213 19.41 29.13 23.45
C ALA D 213 17.96 28.84 23.04
N LEU D 214 17.26 28.00 23.81
CA LEU D 214 15.87 27.71 23.48
C LEU D 214 15.01 28.97 23.47
N LEU D 215 15.19 29.85 24.45
CA LEU D 215 14.38 31.07 24.48
C LEU D 215 14.80 32.03 23.39
N THR D 216 16.11 32.15 23.16
CA THR D 216 16.55 33.09 22.13
C THR D 216 16.01 32.67 20.78
N MET D 217 16.03 31.37 20.48
CA MET D 217 15.53 30.88 19.18
C MET D 217 14.04 31.17 19.01
N LEU D 218 13.26 30.95 20.07
CA LEU D 218 11.84 31.26 20.04
C LEU D 218 11.58 32.75 19.83
N ASN D 219 12.46 33.64 20.25
CA ASN D 219 12.17 35.06 20.02
C ASN D 219 12.93 35.63 18.85
N SER D 220 13.24 34.88 17.79
CA SER D 220 14.12 35.42 16.76
C SER D 220 13.58 36.74 16.19
N CYS D 221 14.50 37.70 15.93
CA CYS D 221 14.19 38.88 15.13
C CYS D 221 13.43 38.47 13.87
N ALA D 222 14.04 37.53 13.06
CA ALA D 222 13.56 37.24 11.73
C ALA D 222 12.55 36.12 11.68
N SER D 223 11.78 36.07 10.62
CA SER D 223 10.67 35.12 10.60
C SER D 223 10.99 33.94 9.69
N GLY D 224 10.06 32.98 9.70
CA GLY D 224 10.34 31.70 9.07
C GLY D 224 11.38 30.91 9.85
N ILE D 225 11.19 30.78 11.16
CA ILE D 225 12.06 30.01 12.05
C ILE D 225 11.17 29.31 13.05
N THR D 226 11.21 27.98 13.09
CA THR D 226 10.52 27.26 14.14
C THR D 226 11.56 26.50 14.95
N VAL D 227 11.20 26.16 16.18
CA VAL D 227 12.15 25.63 17.16
C VAL D 227 11.73 24.23 17.60
N VAL D 228 12.71 23.36 17.75
CA VAL D 228 12.51 22.06 18.39
C VAL D 228 13.05 22.12 19.81
N ASN D 229 12.75 21.08 20.59
CA ASN D 229 13.20 21.10 21.97
C ASN D 229 14.70 20.80 22.04
N ILE D 230 15.25 20.98 23.25
CA ILE D 230 16.69 21.11 23.43
C ILE D 230 17.40 19.79 23.11
N ASP D 231 18.41 19.89 22.24
CA ASP D 231 19.30 18.81 21.82
C ASP D 231 18.60 17.86 20.86
N ASN D 232 17.35 18.09 20.54
CA ASN D 232 16.60 17.16 19.71
C ASN D 232 16.89 17.42 18.23
N GLY D 233 18.14 17.27 17.85
CA GLY D 233 18.50 17.34 16.45
C GLY D 233 17.84 16.26 15.61
N PHE D 234 17.55 15.09 16.21
CA PHE D 234 16.87 14.06 15.45
C PHE D 234 15.54 14.60 14.97
N GLY D 235 14.73 15.04 15.94
CA GLY D 235 13.37 15.43 15.62
C GLY D 235 13.33 16.63 14.71
N ALA D 236 14.27 17.54 14.85
CA ALA D 236 14.44 18.58 13.85
C ALA D 236 14.53 17.98 12.46
N ALA D 237 15.47 17.07 12.22
CA ALA D 237 15.64 16.52 10.88
C ALA D 237 14.45 15.71 10.40
N TYR D 238 13.67 15.16 11.33
CA TYR D 238 12.47 14.44 10.94
C TYR D 238 11.49 15.39 10.23
N SER D 239 11.13 16.51 10.88
CA SER D 239 10.30 17.53 10.24
C SER D 239 10.99 18.13 9.02
N ALA D 240 12.31 18.31 9.09
CA ALA D 240 13.03 18.81 7.93
C ALA D 240 12.91 17.88 6.73
N SER D 241 13.01 16.56 6.94
CA SER D 241 12.89 15.60 5.84
C SER D 241 11.52 15.70 5.17
N MET D 242 10.46 15.76 5.97
CA MET D 242 9.11 15.82 5.42
C MET D 242 8.94 17.03 4.52
N VAL D 243 9.47 18.18 4.94
CA VAL D 243 9.45 19.36 4.10
C VAL D 243 10.18 19.08 2.79
N ASN D 244 11.43 18.63 2.87
CA ASN D 244 12.23 18.41 1.68
C ASN D 244 11.56 17.46 0.68
N GLN D 245 10.96 16.35 1.15
CA GLN D 245 10.31 15.39 0.26
C GLN D 245 8.79 15.54 0.31
N MET D 246 8.19 16.19 -0.70
CA MET D 246 6.73 16.40 -0.72
C MET D 246 6.07 16.34 -2.11
N PRO E 49 -1.20 -37.19 11.78
CA PRO E 49 -2.25 -36.55 10.98
C PRO E 49 -2.88 -37.46 9.94
N GLU E 50 -3.59 -36.86 9.00
CA GLU E 50 -4.27 -37.57 7.93
C GLU E 50 -3.93 -36.92 6.60
N VAL E 51 -3.91 -37.72 5.54
CA VAL E 51 -3.55 -37.27 4.22
C VAL E 51 -4.67 -37.60 3.25
N ILE E 52 -5.02 -36.64 2.40
CA ILE E 52 -6.06 -36.79 1.40
C ILE E 52 -5.41 -36.59 0.03
N TYR E 53 -5.41 -37.64 -0.79
CA TYR E 53 -4.96 -37.53 -2.18
C TYR E 53 -6.20 -37.30 -3.04
N GLY E 54 -6.41 -36.05 -3.45
CA GLY E 54 -7.60 -35.71 -4.20
C GLY E 54 -7.43 -35.64 -5.70
N ALA E 55 -6.87 -36.69 -6.29
CA ALA E 55 -6.66 -36.74 -7.73
C ALA E 55 -7.60 -37.70 -8.44
N GLY E 56 -7.89 -38.85 -7.84
CA GLY E 56 -8.87 -39.75 -8.42
C GLY E 56 -10.22 -39.62 -7.77
N LYS E 57 -10.25 -39.14 -6.53
CA LYS E 57 -11.51 -38.90 -5.83
C LYS E 57 -12.23 -37.70 -6.44
N THR E 58 -13.56 -37.69 -6.31
CA THR E 58 -14.32 -36.54 -6.78
C THR E 58 -14.46 -35.49 -5.68
N ALA E 59 -15.04 -34.35 -6.05
CA ALA E 59 -14.96 -33.16 -5.20
C ALA E 59 -15.88 -33.28 -3.99
N THR E 60 -17.13 -33.67 -4.22
CA THR E 60 -18.04 -33.87 -3.09
C THR E 60 -17.58 -35.06 -2.25
N GLN E 61 -16.88 -36.01 -2.86
CA GLN E 61 -16.32 -37.15 -2.13
C GLN E 61 -15.26 -36.72 -1.12
N ILE E 62 -14.47 -35.69 -1.45
CA ILE E 62 -13.42 -35.24 -0.54
C ILE E 62 -14.02 -34.60 0.71
N VAL E 63 -14.93 -33.64 0.52
CA VAL E 63 -15.46 -32.88 1.65
C VAL E 63 -16.20 -33.78 2.63
N GLY E 64 -16.78 -34.88 2.15
CA GLY E 64 -17.54 -35.75 3.02
C GLY E 64 -16.70 -36.45 4.07
N ILE E 65 -15.44 -36.72 3.76
CA ILE E 65 -14.55 -37.35 4.73
C ILE E 65 -13.89 -36.31 5.65
N VAL E 66 -13.49 -35.15 5.12
CA VAL E 66 -12.85 -34.11 5.93
C VAL E 66 -13.78 -33.63 7.05
N GLN E 67 -15.10 -33.62 6.83
CA GLN E 67 -16.05 -33.18 7.84
C GLN E 67 -16.38 -34.26 8.85
N ALA E 68 -15.97 -35.50 8.61
CA ALA E 68 -16.24 -36.59 9.53
C ALA E 68 -15.17 -36.75 10.60
N LEU E 69 -13.91 -36.42 10.28
CA LEU E 69 -12.79 -36.51 11.22
C LEU E 69 -12.19 -35.12 11.50
N SER E 70 -13.03 -34.09 11.52
CA SER E 70 -12.60 -32.73 11.82
C SER E 70 -12.68 -32.40 13.30
N GLN E 71 -13.37 -33.22 14.10
CA GLN E 71 -13.43 -33.05 15.55
C GLN E 71 -12.33 -33.82 16.28
N GLN E 72 -11.58 -34.67 15.58
CA GLN E 72 -10.49 -35.44 16.16
C GLN E 72 -9.24 -35.24 15.32
N THR E 73 -8.08 -35.30 15.99
CA THR E 73 -6.77 -34.98 15.42
C THR E 73 -6.71 -33.52 14.96
N LEU E 74 -5.62 -32.83 15.31
CA LEU E 74 -5.62 -31.36 15.18
C LEU E 74 -5.55 -30.91 13.73
N PRO E 75 -4.52 -31.27 12.91
CA PRO E 75 -4.46 -30.74 11.54
C PRO E 75 -4.83 -31.75 10.47
N ILE E 76 -5.16 -31.26 9.28
CA ILE E 76 -5.64 -32.09 8.17
C ILE E 76 -5.04 -31.57 6.88
N LEU E 77 -4.56 -32.47 6.04
CA LEU E 77 -3.70 -32.12 4.91
C LEU E 77 -4.22 -32.78 3.64
N THR E 78 -4.33 -31.98 2.58
CA THR E 78 -4.76 -32.46 1.26
C THR E 78 -3.69 -32.11 0.23
N THR E 79 -3.24 -33.10 -0.53
CA THR E 79 -2.19 -32.92 -1.50
C THR E 79 -2.74 -33.06 -2.92
N ARG E 80 -2.18 -32.25 -3.82
CA ARG E 80 -2.51 -32.30 -5.24
C ARG E 80 -3.98 -31.99 -5.45
N LEU E 81 -4.36 -30.77 -5.07
CA LEU E 81 -5.73 -30.26 -5.20
C LEU E 81 -5.68 -29.03 -6.11
N SER E 82 -6.02 -29.23 -7.38
CA SER E 82 -5.91 -28.17 -8.38
C SER E 82 -6.75 -26.97 -7.99
N ALA E 83 -6.38 -25.81 -8.55
CA ALA E 83 -7.13 -24.58 -8.28
C ALA E 83 -8.58 -24.72 -8.71
N GLU E 84 -8.87 -25.53 -9.74
CA GLU E 84 -10.23 -25.77 -10.18
C GLU E 84 -10.95 -26.79 -9.30
N LYS E 85 -10.23 -27.64 -8.58
CA LYS E 85 -10.85 -28.51 -7.58
C LYS E 85 -10.95 -27.83 -6.22
N PHE E 86 -10.17 -26.78 -5.99
CA PHE E 86 -10.32 -25.99 -4.78
C PHE E 86 -11.56 -25.11 -4.85
N ALA E 87 -11.95 -24.68 -6.05
CA ALA E 87 -13.15 -23.85 -6.20
C ALA E 87 -14.42 -24.66 -5.98
N ALA E 88 -14.42 -25.95 -6.34
CA ALA E 88 -15.60 -26.78 -6.11
C ALA E 88 -15.84 -27.09 -4.64
N LEU E 89 -14.85 -26.85 -3.78
CA LEU E 89 -14.96 -27.11 -2.35
C LEU E 89 -14.87 -25.86 -1.49
N GLN E 90 -14.54 -24.71 -2.09
CA GLN E 90 -14.34 -23.50 -1.30
C GLN E 90 -15.55 -23.16 -0.42
N PRO E 91 -16.81 -23.27 -0.87
CA PRO E 91 -17.93 -23.10 0.09
C PRO E 91 -18.09 -24.29 1.03
N ALA E 92 -17.89 -25.52 0.54
CA ALA E 92 -17.97 -26.67 1.42
C ALA E 92 -17.02 -26.55 2.61
N LEU E 93 -15.81 -26.02 2.40
CA LEU E 93 -14.82 -25.84 3.45
C LEU E 93 -14.30 -24.41 3.40
N PRO E 94 -15.07 -23.45 3.93
CA PRO E 94 -14.81 -22.03 3.67
C PRO E 94 -13.68 -21.40 4.46
N THR E 95 -12.98 -22.14 5.32
CA THR E 95 -11.87 -21.60 6.09
C THR E 95 -10.52 -22.11 5.64
N ALA E 96 -10.47 -22.86 4.54
CA ALA E 96 -9.22 -23.48 4.11
C ALA E 96 -8.29 -22.46 3.46
N VAL E 97 -7.02 -22.52 3.84
CA VAL E 97 -5.98 -21.79 3.15
C VAL E 97 -5.56 -22.61 1.94
N TYR E 98 -5.22 -21.93 0.84
CA TYR E 98 -4.83 -22.62 -0.39
C TYR E 98 -3.48 -22.09 -0.86
N HIS E 99 -2.55 -23.02 -1.12
CA HIS E 99 -1.21 -22.72 -1.60
C HIS E 99 -1.19 -23.04 -3.10
N ALA E 100 -1.40 -22.01 -3.93
CA ALA E 100 -1.57 -22.22 -5.36
C ALA E 100 -0.34 -22.86 -5.99
N THR E 101 0.85 -22.49 -5.53
CA THR E 101 2.05 -23.12 -6.07
C THR E 101 2.14 -24.58 -5.63
N ALA E 102 1.95 -24.86 -4.35
CA ALA E 102 2.06 -26.23 -3.84
C ALA E 102 0.92 -27.12 -4.31
N GLN E 103 -0.21 -26.53 -4.68
CA GLN E 103 -1.45 -27.25 -4.99
C GLN E 103 -1.80 -28.22 -3.87
N CYS E 104 -1.98 -27.66 -2.68
CA CYS E 104 -2.28 -28.44 -1.48
C CYS E 104 -3.23 -27.64 -0.60
N MET E 105 -4.35 -28.26 -0.23
CA MET E 105 -5.30 -27.66 0.68
C MET E 105 -4.99 -28.05 2.11
N THR E 106 -5.10 -27.08 3.02
CA THR E 106 -4.78 -27.28 4.43
C THR E 106 -5.91 -26.73 5.30
N VAL E 107 -6.77 -27.62 5.81
CA VAL E 107 -7.80 -27.26 6.77
C VAL E 107 -7.36 -27.68 8.17
N GLY E 108 -7.68 -26.84 9.15
CA GLY E 108 -7.14 -26.97 10.48
C GLY E 108 -6.08 -25.92 10.75
N GLU E 109 -5.50 -26.01 11.94
CA GLU E 109 -4.45 -25.09 12.36
C GLU E 109 -3.08 -25.72 12.11
N GLN E 110 -2.17 -24.95 11.52
CA GLN E 110 -0.80 -25.39 11.34
C GLN E 110 -0.06 -25.28 12.67
N PRO E 111 0.56 -26.35 13.16
CA PRO E 111 1.17 -26.31 14.49
C PRO E 111 2.46 -25.52 14.52
N ALA E 112 2.83 -25.08 15.72
CA ALA E 112 4.11 -24.44 15.95
C ALA E 112 5.23 -25.48 15.87
N PRO E 113 6.48 -25.03 15.66
CA PRO E 113 7.60 -25.99 15.60
C PRO E 113 7.72 -26.85 16.85
N LYS E 114 7.13 -28.04 16.81
CA LYS E 114 7.20 -28.94 17.95
C LYS E 114 8.46 -29.78 17.90
N THR E 115 9.55 -29.18 17.39
CA THR E 115 10.86 -29.81 17.32
C THR E 115 11.93 -28.74 17.06
N PRO E 116 13.04 -28.77 17.78
CA PRO E 116 14.08 -27.73 17.58
C PRO E 116 14.74 -27.79 16.22
N GLY E 117 14.85 -28.97 15.62
CA GLY E 117 15.45 -29.09 14.32
C GLY E 117 14.54 -28.57 13.22
N TYR E 118 15.10 -28.49 12.02
CA TYR E 118 14.36 -28.02 10.85
C TYR E 118 14.72 -28.93 9.67
N ILE E 119 13.93 -28.82 8.60
CA ILE E 119 14.15 -29.61 7.39
C ILE E 119 14.50 -28.65 6.26
N ALA E 120 15.57 -28.96 5.54
CA ALA E 120 16.03 -28.15 4.42
C ALA E 120 15.41 -28.64 3.11
N VAL E 121 15.12 -27.69 2.24
CA VAL E 121 14.53 -27.95 0.93
C VAL E 121 15.49 -27.35 -0.09
N VAL E 122 16.34 -28.20 -0.67
CA VAL E 122 17.29 -27.80 -1.69
C VAL E 122 16.71 -28.16 -3.05
N THR E 123 16.77 -27.21 -3.99
CA THR E 123 16.11 -27.35 -5.28
C THR E 123 17.07 -26.94 -6.39
N ALA E 124 17.03 -27.68 -7.51
CA ALA E 124 17.99 -27.53 -8.60
C ALA E 124 17.69 -26.35 -9.51
N GLY E 125 16.56 -26.39 -10.24
CA GLY E 125 16.14 -25.29 -11.07
C GLY E 125 14.99 -24.51 -10.43
N THR E 126 14.38 -23.64 -11.23
CA THR E 126 13.16 -22.96 -10.82
C THR E 126 11.91 -23.74 -11.18
N SER E 127 12.01 -24.72 -12.08
CA SER E 127 10.82 -25.50 -12.45
C SER E 127 10.43 -26.50 -11.38
N ASP E 128 11.31 -26.78 -10.42
CA ASP E 128 10.98 -27.71 -9.36
C ASP E 128 10.11 -27.10 -8.28
N GLN E 129 9.74 -25.83 -8.44
CA GLN E 129 8.98 -25.11 -7.42
C GLN E 129 7.64 -25.75 -7.08
N PRO E 130 6.83 -26.24 -8.04
CA PRO E 130 5.68 -27.07 -7.67
C PRO E 130 6.02 -28.22 -6.72
N VAL E 131 6.92 -29.12 -7.12
CA VAL E 131 7.23 -30.22 -6.21
C VAL E 131 8.09 -29.76 -5.05
N ALA E 132 8.68 -28.56 -5.14
CA ALA E 132 9.45 -28.05 -4.01
C ALA E 132 8.52 -27.65 -2.87
N GLU E 133 7.44 -26.93 -3.19
CA GLU E 133 6.55 -26.40 -2.15
C GLU E 133 5.67 -27.47 -1.52
N GLU E 134 5.27 -28.50 -2.30
CA GLU E 134 4.54 -29.62 -1.72
C GLU E 134 5.31 -30.26 -0.57
N ALA E 135 6.62 -30.40 -0.72
CA ALA E 135 7.43 -30.92 0.38
C ALA E 135 7.45 -29.93 1.55
N ALA E 136 7.64 -28.65 1.27
CA ALA E 136 7.81 -27.66 2.34
C ALA E 136 6.56 -27.56 3.19
N VAL E 137 5.38 -27.60 2.56
CA VAL E 137 4.13 -27.44 3.29
C VAL E 137 3.75 -28.73 4.01
N THR E 138 3.95 -29.89 3.37
CA THR E 138 3.62 -31.15 4.03
C THR E 138 4.38 -31.32 5.34
N ALA E 139 5.63 -30.87 5.38
CA ALA E 139 6.42 -30.97 6.59
C ALA E 139 5.86 -30.04 7.66
N GLU E 140 5.62 -28.77 7.30
CA GLU E 140 5.04 -27.83 8.25
C GLU E 140 3.69 -28.30 8.77
N THR E 141 2.99 -29.18 8.03
CA THR E 141 1.74 -29.74 8.52
C THR E 141 1.97 -30.66 9.72
N PHE E 142 3.01 -31.50 9.66
CA PHE E 142 3.39 -32.32 10.79
C PHE E 142 4.14 -31.54 11.87
N GLY E 143 4.29 -30.23 11.71
CA GLY E 143 4.89 -29.40 12.73
C GLY E 143 6.39 -29.27 12.60
N ASN E 144 6.85 -28.97 11.39
CA ASN E 144 8.27 -28.80 11.11
C ASN E 144 8.52 -27.38 10.59
N ARG E 145 9.67 -26.83 10.96
CA ARG E 145 10.16 -25.59 10.38
C ARG E 145 11.06 -25.93 9.18
N VAL E 146 10.84 -25.23 8.07
CA VAL E 146 11.38 -25.61 6.77
C VAL E 146 12.22 -24.44 6.25
N GLU E 147 13.41 -24.73 5.74
CA GLU E 147 14.27 -23.72 5.13
C GLU E 147 14.38 -24.02 3.64
N ARG E 148 14.00 -23.05 2.82
CA ARG E 148 13.94 -23.21 1.37
C ARG E 148 15.24 -22.73 0.73
N VAL E 149 15.81 -23.56 -0.14
CA VAL E 149 17.04 -23.25 -0.86
C VAL E 149 16.76 -23.57 -2.33
N TYR E 150 16.35 -22.57 -3.10
CA TYR E 150 15.83 -22.78 -4.45
C TYR E 150 16.84 -22.34 -5.50
N ASP E 151 16.75 -22.99 -6.67
CA ASP E 151 17.68 -22.84 -7.81
C ASP E 151 19.13 -22.70 -7.34
N VAL E 152 19.72 -23.81 -6.90
CA VAL E 152 21.12 -23.85 -6.48
C VAL E 152 21.79 -25.02 -7.18
N GLY E 153 21.36 -25.28 -8.41
CA GLY E 153 21.89 -26.40 -9.17
C GLY E 153 23.39 -26.30 -9.40
N VAL E 154 23.95 -27.40 -9.93
CA VAL E 154 25.39 -27.51 -10.07
C VAL E 154 25.92 -26.88 -11.35
N ALA E 155 25.04 -26.27 -12.16
CA ALA E 155 25.52 -25.50 -13.31
C ALA E 155 26.31 -24.27 -12.85
N GLY E 156 25.93 -23.69 -11.71
CA GLY E 156 26.72 -22.67 -11.04
C GLY E 156 26.93 -23.04 -9.59
N ILE E 157 28.01 -23.78 -9.30
CA ILE E 157 28.19 -24.41 -8.00
C ILE E 157 28.46 -23.42 -6.87
N HIS E 158 28.74 -22.15 -7.18
CA HIS E 158 29.02 -21.18 -6.12
C HIS E 158 27.81 -20.96 -5.23
N ARG E 159 26.60 -21.09 -5.79
CA ARG E 159 25.39 -20.85 -5.03
C ARG E 159 25.16 -21.91 -3.97
N LEU E 160 25.57 -23.16 -4.23
CA LEU E 160 25.43 -24.21 -3.24
C LEU E 160 26.42 -24.04 -2.09
N PHE E 161 27.64 -23.62 -2.40
CA PHE E 161 28.62 -23.32 -1.36
C PHE E 161 28.23 -22.09 -0.56
N ALA E 162 27.39 -21.22 -1.11
CA ALA E 162 26.92 -20.06 -0.35
C ALA E 162 25.98 -20.49 0.77
N LYS E 163 24.87 -21.13 0.40
CA LYS E 163 23.90 -21.64 1.37
C LYS E 163 24.29 -23.02 1.89
N LEU E 164 25.59 -23.34 1.96
CA LEU E 164 26.01 -24.70 2.29
C LEU E 164 25.94 -24.97 3.78
N ASP E 165 26.40 -24.03 4.60
CA ASP E 165 26.34 -24.19 6.05
C ASP E 165 24.90 -24.33 6.53
N VAL E 166 23.94 -23.76 5.80
CA VAL E 166 22.54 -23.89 6.16
C VAL E 166 22.10 -25.35 6.10
N ILE E 167 22.63 -26.09 5.13
CA ILE E 167 22.21 -27.47 4.96
C ILE E 167 22.95 -28.40 5.92
N ARG E 168 24.20 -28.09 6.25
CA ARG E 168 24.94 -28.92 7.19
C ARG E 168 24.33 -28.84 8.58
N GLY E 169 23.88 -27.66 8.98
CA GLY E 169 23.25 -27.51 10.27
C GLY E 169 21.84 -28.02 10.37
N ALA E 170 21.30 -28.59 9.30
CA ALA E 170 19.96 -29.16 9.33
C ALA E 170 19.99 -30.57 9.88
N ARG E 171 18.86 -30.98 10.48
CA ARG E 171 18.76 -32.34 10.98
C ARG E 171 18.50 -33.32 9.86
N VAL E 172 17.59 -32.98 8.93
CA VAL E 172 17.31 -33.77 7.73
C VAL E 172 17.23 -32.84 6.53
N VAL E 173 17.62 -33.35 5.36
CA VAL E 173 17.69 -32.55 4.13
C VAL E 173 16.85 -33.23 3.05
N ILE E 174 16.11 -32.42 2.30
CA ILE E 174 15.34 -32.88 1.14
C ILE E 174 15.92 -32.22 -0.10
N VAL E 175 16.30 -33.05 -1.08
CA VAL E 175 16.94 -32.56 -2.30
C VAL E 175 16.04 -32.85 -3.48
N ILE E 176 15.53 -31.78 -4.09
CA ILE E 176 14.58 -31.86 -5.19
C ILE E 176 15.30 -31.42 -6.44
N ALA E 177 15.11 -32.16 -7.53
CA ALA E 177 15.92 -31.95 -8.71
C ALA E 177 15.31 -32.67 -9.91
N GLY E 178 15.10 -31.93 -10.99
CA GLY E 178 14.69 -32.56 -12.22
C GLY E 178 15.90 -32.86 -13.09
N MET E 179 15.75 -32.68 -14.40
CA MET E 179 16.84 -32.79 -15.38
C MET E 179 17.54 -34.12 -15.13
N GLU E 180 18.86 -34.17 -15.11
CA GLU E 180 19.54 -35.42 -14.81
C GLU E 180 19.66 -35.68 -13.31
N GLY E 181 19.03 -34.85 -12.48
CA GLY E 181 19.07 -35.07 -11.04
C GLY E 181 20.45 -34.99 -10.44
N ALA E 182 21.39 -34.34 -11.13
CA ALA E 182 22.79 -34.36 -10.71
C ALA E 182 22.97 -33.79 -9.32
N LEU E 183 22.17 -32.78 -8.96
CA LEU E 183 22.34 -32.09 -7.68
C LEU E 183 22.31 -33.04 -6.50
N ALA E 184 21.48 -34.10 -6.58
CA ALA E 184 21.29 -34.99 -5.44
C ALA E 184 22.57 -35.64 -4.99
N SER E 185 23.54 -35.80 -5.90
CA SER E 185 24.80 -36.44 -5.54
C SER E 185 25.81 -35.44 -4.98
N VAL E 186 25.83 -34.21 -5.52
CA VAL E 186 26.74 -33.19 -5.01
C VAL E 186 26.44 -32.85 -3.56
N VAL E 187 25.20 -33.05 -3.10
CA VAL E 187 24.77 -32.65 -1.77
C VAL E 187 25.05 -33.73 -0.72
N GLY E 188 24.74 -34.99 -1.02
CA GLY E 188 24.94 -36.07 -0.05
C GLY E 188 26.38 -36.41 0.17
N GLY E 189 27.27 -36.00 -0.73
CA GLY E 189 28.68 -36.08 -0.51
C GLY E 189 29.28 -34.88 0.18
N LEU E 190 28.46 -34.00 0.76
CA LEU E 190 28.95 -32.84 1.50
C LEU E 190 28.31 -32.66 2.87
N VAL E 191 27.34 -33.48 3.26
CA VAL E 191 26.71 -33.40 4.57
C VAL E 191 26.69 -34.80 5.19
N ASP E 192 26.88 -34.86 6.51
CA ASP E 192 26.80 -36.11 7.25
C ASP E 192 25.45 -36.28 7.94
N LYS E 193 24.38 -35.79 7.33
CA LYS E 193 23.01 -35.94 7.83
C LYS E 193 22.20 -36.78 6.87
N PRO E 194 21.18 -37.50 7.35
CA PRO E 194 20.41 -38.37 6.45
C PRO E 194 19.66 -37.55 5.42
N VAL E 195 19.79 -37.92 4.16
CA VAL E 195 19.28 -37.15 3.03
C VAL E 195 18.29 -37.99 2.25
N ILE E 196 17.16 -37.36 1.88
CA ILE E 196 16.16 -37.95 1.01
C ILE E 196 16.02 -37.06 -0.21
N ALA E 197 16.05 -37.67 -1.39
CA ALA E 197 16.13 -36.95 -2.64
C ALA E 197 14.84 -37.12 -3.43
N VAL E 198 14.44 -36.08 -4.14
CA VAL E 198 13.21 -36.06 -4.91
C VAL E 198 13.56 -35.94 -6.38
N PRO E 199 13.20 -36.90 -7.23
CA PRO E 199 13.28 -36.70 -8.68
C PRO E 199 11.99 -36.05 -9.18
N THR E 200 12.13 -35.18 -10.16
CA THR E 200 11.00 -34.43 -10.66
C THR E 200 10.85 -34.59 -12.16
N SER E 201 9.60 -34.48 -12.62
CA SER E 201 9.23 -34.63 -14.02
C SER E 201 9.34 -33.29 -14.75
N VAL E 202 10.54 -32.71 -14.71
CA VAL E 202 10.90 -31.61 -15.59
C VAL E 202 12.20 -31.98 -16.28
N GLY E 203 12.29 -31.65 -17.56
CA GLY E 203 13.44 -32.01 -18.36
C GLY E 203 13.03 -32.28 -19.79
N TYR E 204 13.95 -31.99 -20.71
CA TYR E 204 13.68 -31.93 -22.13
C TYR E 204 13.38 -33.30 -22.74
N GLY E 205 14.33 -33.84 -23.50
CA GLY E 205 14.12 -35.05 -24.26
C GLY E 205 14.09 -36.32 -23.43
N THR E 206 15.27 -36.92 -23.21
CA THR E 206 15.38 -38.18 -22.49
C THR E 206 15.35 -38.00 -20.97
N SER E 207 14.71 -36.93 -20.49
CA SER E 207 14.36 -36.86 -19.08
C SER E 207 13.23 -37.82 -18.75
N PHE E 208 12.42 -38.16 -19.77
CA PHE E 208 11.33 -39.14 -19.66
C PHE E 208 10.49 -38.89 -18.41
N GLN E 209 10.07 -37.64 -18.23
CA GLN E 209 9.28 -37.24 -17.08
C GLN E 209 10.04 -37.49 -15.78
N GLY E 210 11.36 -37.39 -15.85
CA GLY E 210 12.21 -37.49 -14.68
C GLY E 210 12.82 -38.85 -14.42
N MET E 211 12.62 -39.82 -15.31
CA MET E 211 13.17 -41.16 -15.10
C MET E 211 14.69 -41.11 -14.92
N THR E 212 15.36 -40.28 -15.73
CA THR E 212 16.80 -40.10 -15.59
C THR E 212 17.15 -39.70 -14.16
N ALA E 213 16.46 -38.69 -13.63
CA ALA E 213 16.72 -38.27 -12.26
C ALA E 213 16.56 -39.45 -11.29
N LEU E 214 15.45 -40.19 -11.40
CA LEU E 214 15.20 -41.31 -10.51
C LEU E 214 16.40 -42.25 -10.45
N LEU E 215 16.86 -42.71 -11.62
CA LEU E 215 17.98 -43.66 -11.66
C LEU E 215 19.30 -42.99 -11.27
N THR E 216 19.52 -41.74 -11.69
CA THR E 216 20.70 -41.01 -11.24
C THR E 216 20.84 -41.08 -9.74
N MET E 217 19.80 -40.64 -9.04
CA MET E 217 19.84 -40.63 -7.59
C MET E 217 19.78 -42.04 -7.00
N LEU E 218 19.21 -43.01 -7.74
CA LEU E 218 19.26 -44.40 -7.29
C LEU E 218 20.69 -44.91 -7.24
N ASN E 219 21.51 -44.60 -8.23
CA ASN E 219 22.90 -45.05 -8.27
C ASN E 219 23.84 -44.15 -7.49
N SER E 220 23.39 -43.62 -6.36
CA SER E 220 24.27 -42.81 -5.50
C SER E 220 23.91 -42.95 -4.04
N CYS E 221 23.30 -44.07 -3.65
CA CYS E 221 22.81 -44.26 -2.29
C CYS E 221 23.91 -44.59 -1.30
N ALA E 222 25.15 -44.77 -1.75
CA ALA E 222 26.23 -45.09 -0.83
C ALA E 222 26.57 -43.97 0.12
N SER E 223 26.20 -42.73 -0.23
CA SER E 223 26.48 -41.53 0.55
C SER E 223 25.49 -41.33 1.71
N GLY E 224 24.59 -42.28 1.95
CA GLY E 224 23.52 -42.06 2.88
C GLY E 224 22.27 -41.48 2.27
N ILE E 225 22.16 -41.52 0.95
CA ILE E 225 21.00 -41.00 0.24
C ILE E 225 19.97 -42.11 0.13
N THR E 226 18.72 -41.70 0.19
CA THR E 226 17.58 -42.58 -0.09
C THR E 226 16.58 -41.78 -0.90
N VAL E 227 15.87 -42.47 -1.79
CA VAL E 227 15.17 -41.83 -2.90
C VAL E 227 13.67 -42.16 -2.83
N VAL E 228 12.83 -41.13 -3.02
CA VAL E 228 11.38 -41.31 -3.20
C VAL E 228 11.03 -41.22 -4.69
N ASN E 229 9.74 -41.38 -5.00
CA ASN E 229 9.28 -41.47 -6.39
C ASN E 229 9.25 -40.09 -7.05
N ILE E 230 8.93 -40.06 -8.35
CA ILE E 230 9.00 -38.83 -9.13
C ILE E 230 7.92 -37.85 -8.68
N ASP E 231 8.33 -36.61 -8.47
CA ASP E 231 7.46 -35.49 -8.09
C ASP E 231 6.80 -35.70 -6.73
N ASN E 232 7.37 -36.57 -5.91
CA ASN E 232 6.76 -37.01 -4.66
C ASN E 232 7.20 -36.11 -3.50
N GLY E 233 6.96 -34.80 -3.66
CA GLY E 233 7.27 -33.87 -2.60
C GLY E 233 6.66 -34.24 -1.25
N PHE E 234 5.47 -34.86 -1.26
CA PHE E 234 4.85 -35.25 0.00
C PHE E 234 5.57 -36.44 0.64
N GLY E 235 5.58 -37.60 -0.04
CA GLY E 235 6.18 -38.80 0.52
C GLY E 235 7.62 -38.65 0.98
N ALA E 236 8.34 -37.66 0.43
CA ALA E 236 9.66 -37.32 0.97
C ALA E 236 9.54 -36.50 2.24
N ALA E 237 8.68 -35.47 2.22
CA ALA E 237 8.49 -34.65 3.41
C ALA E 237 7.85 -35.44 4.55
N TYR E 238 7.09 -36.48 4.21
CA TYR E 238 6.52 -37.35 5.24
C TYR E 238 7.61 -38.07 6.02
N SER E 239 8.43 -38.87 5.31
CA SER E 239 9.55 -39.53 5.98
C SER E 239 10.51 -38.51 6.58
N ALA E 240 10.75 -37.40 5.87
CA ALA E 240 11.67 -36.39 6.41
C ALA E 240 11.17 -35.82 7.74
N SER E 241 9.86 -35.76 7.93
CA SER E 241 9.32 -35.30 9.21
C SER E 241 9.63 -36.29 10.32
N MET E 242 9.35 -37.58 10.08
CA MET E 242 9.60 -38.60 11.09
C MET E 242 11.04 -38.58 11.57
N VAL E 243 12.00 -38.49 10.65
CA VAL E 243 13.42 -38.52 11.00
C VAL E 243 13.80 -37.29 11.82
N ASN E 244 13.22 -36.13 11.49
CA ASN E 244 13.51 -34.90 12.22
C ASN E 244 12.98 -34.94 13.65
N GLN E 245 11.97 -35.76 13.92
CA GLN E 245 11.31 -35.82 15.22
C GLN E 245 11.54 -37.22 15.82
N MET E 246 12.72 -37.43 16.39
CA MET E 246 13.02 -38.69 17.05
C MET E 246 13.73 -38.48 18.38
N ASN F 46 33.23 -36.02 12.19
CA ASN F 46 32.62 -37.13 11.47
C ASN F 46 32.09 -38.19 12.44
N GLY F 47 32.98 -39.06 12.91
CA GLY F 47 32.62 -40.17 13.76
C GLY F 47 32.20 -41.43 13.04
N PHE F 48 32.40 -41.49 11.75
CA PHE F 48 31.93 -42.60 10.95
C PHE F 48 33.09 -43.51 10.56
N PRO F 49 32.83 -44.81 10.47
CA PRO F 49 33.90 -45.75 10.09
C PRO F 49 34.27 -45.59 8.62
N GLU F 50 35.35 -46.28 8.26
CA GLU F 50 35.78 -46.33 6.86
C GLU F 50 35.14 -47.54 6.20
N VAL F 51 34.85 -47.40 4.91
CA VAL F 51 34.23 -48.47 4.13
C VAL F 51 34.97 -48.60 2.81
N ILE F 52 35.34 -49.83 2.47
CA ILE F 52 36.09 -50.13 1.26
C ILE F 52 35.18 -50.96 0.36
N TYR F 53 34.87 -50.41 -0.82
CA TYR F 53 34.03 -51.12 -1.77
C TYR F 53 34.88 -52.23 -2.38
N GLY F 54 34.98 -53.33 -1.62
CA GLY F 54 35.86 -54.42 -1.98
C GLY F 54 35.36 -55.31 -3.10
N ALA F 55 34.56 -54.76 -4.01
CA ALA F 55 34.03 -55.49 -5.16
C ALA F 55 34.86 -55.30 -6.43
N GLY F 56 35.48 -54.14 -6.60
CA GLY F 56 36.25 -53.88 -7.80
C GLY F 56 37.75 -53.97 -7.60
N LYS F 57 38.20 -53.87 -6.35
CA LYS F 57 39.63 -53.88 -6.03
C LYS F 57 40.15 -55.29 -5.85
N THR F 58 41.39 -55.52 -6.28
CA THR F 58 42.00 -56.84 -6.17
C THR F 58 42.39 -57.13 -4.72
N ALA F 59 42.70 -58.40 -4.47
CA ALA F 59 42.96 -58.86 -3.11
C ALA F 59 44.20 -58.20 -2.51
N THR F 60 45.27 -58.04 -3.30
CA THR F 60 46.47 -57.39 -2.80
C THR F 60 46.24 -55.90 -2.57
N GLN F 61 45.26 -55.31 -3.28
CA GLN F 61 44.95 -53.89 -3.20
C GLN F 61 44.10 -53.55 -1.99
N ILE F 62 43.29 -54.51 -1.50
CA ILE F 62 42.50 -54.27 -0.30
C ILE F 62 43.38 -54.30 0.93
N VAL F 63 44.17 -55.37 1.09
CA VAL F 63 45.11 -55.44 2.20
C VAL F 63 45.99 -54.21 2.26
N GLY F 64 46.21 -53.53 1.12
CA GLY F 64 47.08 -52.37 1.10
C GLY F 64 46.45 -51.10 1.63
N ILE F 65 45.15 -50.93 1.45
CA ILE F 65 44.50 -49.77 2.04
C ILE F 65 44.08 -50.04 3.48
N VAL F 66 43.79 -51.30 3.83
CA VAL F 66 43.41 -51.63 5.20
C VAL F 66 44.55 -51.29 6.16
N GLN F 67 45.76 -51.75 5.84
CA GLN F 67 46.89 -51.57 6.75
C GLN F 67 47.42 -50.14 6.77
N ALA F 68 46.86 -49.24 5.94
CA ALA F 68 47.17 -47.83 6.00
C ALA F 68 46.36 -47.09 7.06
N LEU F 69 45.36 -47.74 7.65
CA LEU F 69 44.57 -47.15 8.73
C LEU F 69 44.73 -47.91 10.03
N SER F 70 45.82 -48.65 10.19
CA SER F 70 46.05 -49.44 11.40
C SER F 70 46.32 -48.57 12.62
N GLN F 71 46.63 -47.29 12.43
CA GLN F 71 46.85 -46.37 13.54
C GLN F 71 45.56 -45.77 14.07
N GLN F 72 44.40 -46.23 13.61
CA GLN F 72 43.12 -45.76 14.11
C GLN F 72 42.44 -46.74 15.04
N THR F 73 42.64 -48.04 14.84
CA THR F 73 41.96 -49.10 15.59
C THR F 73 40.45 -49.03 15.40
N LEU F 74 39.97 -48.05 14.64
CA LEU F 74 38.57 -47.94 14.31
C LEU F 74 38.19 -49.07 13.35
N PRO F 75 36.88 -49.31 13.17
CA PRO F 75 36.46 -50.39 12.27
C PRO F 75 36.54 -49.98 10.79
N ILE F 76 36.78 -50.99 9.97
CA ILE F 76 36.90 -50.83 8.51
C ILE F 76 36.03 -51.91 7.88
N LEU F 77 35.09 -51.49 7.03
CA LEU F 77 34.07 -52.37 6.49
C LEU F 77 34.29 -52.59 5.00
N THR F 78 34.41 -53.86 4.61
CA THR F 78 34.62 -54.25 3.21
C THR F 78 33.39 -55.02 2.76
N THR F 79 32.71 -54.51 1.73
CA THR F 79 31.43 -55.07 1.29
C THR F 79 31.58 -55.73 -0.08
N ARG F 80 30.81 -56.80 -0.27
CA ARG F 80 30.81 -57.57 -1.50
C ARG F 80 32.19 -58.20 -1.75
N LEU F 81 32.74 -58.82 -0.71
CA LEU F 81 34.01 -59.53 -0.78
C LEU F 81 33.72 -61.01 -0.98
N SER F 82 34.02 -61.52 -2.17
CA SER F 82 33.73 -62.92 -2.47
C SER F 82 34.55 -63.84 -1.57
N ALA F 83 34.06 -65.08 -1.44
CA ALA F 83 34.81 -66.10 -0.70
C ALA F 83 36.09 -66.50 -1.43
N GLU F 84 36.16 -66.32 -2.75
CA GLU F 84 37.39 -66.60 -3.47
C GLU F 84 38.50 -65.60 -3.12
N LYS F 85 38.12 -64.40 -2.71
CA LYS F 85 39.05 -63.38 -2.27
C LYS F 85 39.40 -63.48 -0.79
N PHE F 86 38.74 -64.36 -0.04
CA PHE F 86 39.05 -64.55 1.38
C PHE F 86 40.30 -65.40 1.59
N ALA F 87 40.62 -66.28 0.64
CA ALA F 87 41.81 -67.10 0.76
C ALA F 87 43.08 -66.34 0.43
N ALA F 88 42.97 -65.25 -0.33
CA ALA F 88 44.13 -64.43 -0.64
C ALA F 88 44.42 -63.39 0.44
N LEU F 89 43.45 -63.12 1.33
CA LEU F 89 43.65 -62.23 2.45
C LEU F 89 43.67 -62.96 3.79
N GLN F 90 43.31 -64.25 3.79
CA GLN F 90 43.46 -65.05 5.00
C GLN F 90 44.90 -65.08 5.52
N PRO F 91 45.96 -65.20 4.69
CA PRO F 91 47.32 -65.00 5.21
C PRO F 91 47.70 -63.54 5.35
N ALA F 92 47.08 -62.67 4.54
CA ALA F 92 47.42 -61.26 4.56
C ALA F 92 46.75 -60.51 5.69
N LEU F 93 45.55 -60.93 6.10
CA LEU F 93 44.80 -60.30 7.19
C LEU F 93 44.19 -61.42 8.03
N PRO F 94 44.95 -61.96 8.99
CA PRO F 94 44.46 -63.10 9.77
C PRO F 94 43.49 -62.73 10.87
N THR F 95 43.46 -61.45 11.27
CA THR F 95 42.58 -60.96 12.32
C THR F 95 41.21 -60.50 11.81
N ALA F 96 41.01 -60.45 10.50
CA ALA F 96 39.75 -59.95 9.96
C ALA F 96 38.65 -60.99 10.08
N VAL F 97 37.43 -60.52 10.36
CA VAL F 97 36.25 -61.39 10.49
C VAL F 97 35.49 -61.34 9.18
N TYR F 98 35.26 -62.51 8.58
CA TYR F 98 34.58 -62.61 7.28
C TYR F 98 33.17 -63.17 7.48
N HIS F 99 32.17 -62.39 7.06
CA HIS F 99 30.77 -62.80 7.14
C HIS F 99 30.34 -63.33 5.77
N ALA F 100 30.45 -64.65 5.60
CA ALA F 100 30.37 -65.25 4.27
C ALA F 100 29.06 -64.92 3.57
N THR F 101 27.95 -65.00 4.29
CA THR F 101 26.65 -64.71 3.69
C THR F 101 26.59 -63.29 3.15
N ALA F 102 27.01 -62.31 3.96
CA ALA F 102 26.97 -60.91 3.54
C ALA F 102 28.03 -60.58 2.49
N GLN F 103 29.10 -61.38 2.41
CA GLN F 103 30.30 -61.04 1.65
C GLN F 103 30.92 -59.75 2.20
N CYS F 104 31.27 -59.80 3.48
CA CYS F 104 31.74 -58.61 4.19
C CYS F 104 32.92 -58.94 5.10
N MET F 105 33.76 -57.94 5.32
CA MET F 105 34.94 -58.05 6.15
C MET F 105 34.98 -56.86 7.10
N THR F 106 35.32 -57.12 8.37
CA THR F 106 35.44 -56.09 9.39
C THR F 106 36.76 -56.29 10.11
N VAL F 107 37.64 -55.30 10.02
CA VAL F 107 38.99 -55.38 10.57
C VAL F 107 39.17 -54.27 11.59
N GLY F 108 39.55 -54.65 12.80
CA GLY F 108 39.67 -53.73 13.92
C GLY F 108 38.72 -54.12 15.04
N GLU F 109 38.90 -53.41 16.16
CA GLU F 109 38.05 -53.61 17.33
C GLU F 109 36.62 -53.15 17.01
N GLN F 110 35.69 -54.11 16.97
CA GLN F 110 34.30 -53.81 16.71
C GLN F 110 33.68 -53.10 17.90
N PRO F 111 32.95 -52.00 17.70
CA PRO F 111 32.42 -51.22 18.83
C PRO F 111 31.08 -51.75 19.32
N ALA F 112 30.79 -51.39 20.58
CA ALA F 112 29.46 -51.60 21.13
C ALA F 112 28.45 -50.77 20.35
N PRO F 113 27.17 -51.12 20.43
CA PRO F 113 26.15 -50.32 19.73
C PRO F 113 26.20 -48.86 20.16
N LYS F 114 26.13 -47.96 19.18
CA LYS F 114 26.20 -46.52 19.42
C LYS F 114 24.95 -45.81 19.95
N THR F 115 23.88 -45.80 19.16
CA THR F 115 22.68 -45.08 19.54
C THR F 115 21.87 -46.05 20.39
N PRO F 116 21.13 -45.56 21.38
CA PRO F 116 20.27 -46.45 22.17
C PRO F 116 19.27 -47.26 21.34
N GLY F 117 18.69 -46.64 20.30
CA GLY F 117 17.76 -47.35 19.46
C GLY F 117 18.44 -48.40 18.60
N TYR F 118 17.64 -49.28 18.02
CA TYR F 118 18.10 -50.35 17.18
C TYR F 118 17.53 -50.18 15.77
N ILE F 119 17.81 -51.14 14.89
CA ILE F 119 17.36 -51.10 13.50
C ILE F 119 16.82 -52.47 13.12
N ALA F 120 15.61 -52.47 12.56
CA ALA F 120 14.94 -53.72 12.19
C ALA F 120 15.35 -54.16 10.79
N VAL F 121 15.45 -55.47 10.61
CA VAL F 121 15.81 -56.08 9.34
C VAL F 121 14.71 -57.07 8.98
N VAL F 122 13.86 -56.70 8.02
CA VAL F 122 12.70 -57.50 7.64
C VAL F 122 12.92 -58.05 6.24
N THR F 123 12.97 -59.37 6.13
CA THR F 123 13.22 -60.06 4.87
C THR F 123 11.97 -60.82 4.46
N ALA F 124 11.78 -60.96 3.15
CA ALA F 124 10.57 -61.61 2.63
C ALA F 124 10.72 -63.13 2.64
N GLY F 125 11.55 -63.66 1.74
CA GLY F 125 11.80 -65.08 1.65
C GLY F 125 13.22 -65.44 2.06
N THR F 126 13.51 -66.74 1.96
CA THR F 126 14.86 -67.22 2.23
C THR F 126 15.85 -66.70 1.20
N SER F 127 15.38 -66.38 -0.01
CA SER F 127 16.30 -65.93 -1.06
C SER F 127 16.89 -64.56 -0.76
N ASP F 128 16.17 -63.71 -0.04
CA ASP F 128 16.65 -62.38 0.28
C ASP F 128 17.76 -62.40 1.34
N GLN F 129 18.18 -63.57 1.77
CA GLN F 129 19.26 -63.70 2.75
C GLN F 129 20.52 -62.94 2.35
N PRO F 130 21.17 -63.20 1.20
CA PRO F 130 22.49 -62.58 0.95
C PRO F 130 22.49 -61.07 0.98
N VAL F 131 21.49 -60.42 0.39
CA VAL F 131 21.43 -58.96 0.45
C VAL F 131 20.95 -58.47 1.81
N ALA F 132 20.33 -59.34 2.61
CA ALA F 132 19.87 -58.93 3.93
C ALA F 132 21.04 -58.74 4.88
N GLU F 133 22.04 -59.63 4.80
CA GLU F 133 23.12 -59.59 5.76
C GLU F 133 24.09 -58.45 5.48
N GLU F 134 24.24 -58.04 4.22
CA GLU F 134 25.06 -56.87 3.91
C GLU F 134 24.50 -55.61 4.56
N ALA F 135 23.17 -55.53 4.73
CA ALA F 135 22.56 -54.46 5.49
C ALA F 135 22.66 -54.69 7.00
N ALA F 136 22.64 -55.95 7.43
CA ALA F 136 22.64 -56.27 8.85
C ALA F 136 24.03 -56.11 9.46
N VAL F 137 25.08 -56.50 8.74
CA VAL F 137 26.41 -56.34 9.30
C VAL F 137 26.83 -54.87 9.25
N THR F 138 26.36 -54.12 8.25
CA THR F 138 26.78 -52.74 8.13
C THR F 138 26.32 -51.91 9.33
N ALA F 139 25.05 -52.07 9.72
CA ALA F 139 24.50 -51.29 10.82
C ALA F 139 25.25 -51.54 12.13
N GLU F 140 25.71 -52.76 12.36
CA GLU F 140 26.45 -53.03 13.58
C GLU F 140 27.85 -52.45 13.52
N THR F 141 28.42 -52.31 12.32
CA THR F 141 29.72 -51.67 12.18
C THR F 141 29.63 -50.16 12.36
N PHE F 142 28.52 -49.56 11.95
CA PHE F 142 28.27 -48.14 12.16
C PHE F 142 27.67 -47.85 13.53
N GLY F 143 27.37 -48.88 14.32
CA GLY F 143 26.84 -48.69 15.66
C GLY F 143 25.33 -48.72 15.76
N ASN F 144 24.72 -49.83 15.33
CA ASN F 144 23.27 -49.99 15.40
C ASN F 144 22.97 -51.42 15.83
N ARG F 145 22.29 -51.57 16.96
CA ARG F 145 21.78 -52.88 17.33
C ARG F 145 20.82 -53.37 16.25
N VAL F 146 20.77 -54.67 16.04
CA VAL F 146 20.03 -55.26 14.94
C VAL F 146 19.20 -56.43 15.45
N GLU F 147 17.90 -56.40 15.16
CA GLU F 147 16.99 -57.51 15.40
C GLU F 147 16.51 -58.02 14.05
N ARG F 148 16.86 -59.27 13.74
CA ARG F 148 16.60 -59.84 12.43
C ARG F 148 15.24 -60.51 12.39
N VAL F 149 14.42 -60.11 11.41
CA VAL F 149 13.10 -60.69 11.18
C VAL F 149 13.15 -61.32 9.80
N TYR F 150 13.16 -62.65 9.74
CA TYR F 150 13.42 -63.36 8.49
C TYR F 150 12.22 -64.20 8.08
N ASP F 151 12.02 -64.26 6.77
CA ASP F 151 10.97 -65.05 6.11
C ASP F 151 9.58 -64.64 6.61
N VAL F 152 9.19 -63.43 6.23
CA VAL F 152 7.88 -62.90 6.59
C VAL F 152 7.25 -62.32 5.33
N GLY F 153 7.55 -62.94 4.19
CA GLY F 153 7.03 -62.48 2.92
C GLY F 153 5.52 -62.41 2.90
N VAL F 154 5.01 -61.64 1.94
CA VAL F 154 3.58 -61.32 1.89
C VAL F 154 2.71 -62.43 1.33
N ALA F 155 3.30 -63.55 0.92
CA ALA F 155 2.48 -64.71 0.53
C ALA F 155 1.81 -65.32 1.76
N GLY F 156 2.53 -65.39 2.87
CA GLY F 156 1.97 -65.79 4.15
C GLY F 156 2.12 -64.69 5.18
N ILE F 157 1.18 -63.74 5.17
CA ILE F 157 1.29 -62.54 6.00
C ILE F 157 1.12 -62.81 7.49
N HIS F 158 0.68 -64.01 7.87
CA HIS F 158 0.58 -64.35 9.29
C HIS F 158 1.92 -64.26 9.99
N ARG F 159 3.01 -64.55 9.28
CA ARG F 159 4.35 -64.53 9.88
C ARG F 159 4.81 -63.10 10.17
N LEU F 160 4.40 -62.14 9.33
CA LEU F 160 4.78 -60.75 9.56
C LEU F 160 4.15 -60.20 10.83
N PHE F 161 2.83 -60.37 10.97
CA PHE F 161 2.12 -59.85 12.14
C PHE F 161 2.52 -60.57 13.43
N ALA F 162 3.14 -61.74 13.34
CA ALA F 162 3.61 -62.44 14.53
C ALA F 162 4.73 -61.68 15.21
N LYS F 163 5.83 -61.44 14.49
CA LYS F 163 6.94 -60.62 14.97
C LYS F 163 6.72 -59.14 14.71
N LEU F 164 5.48 -58.71 14.46
CA LEU F 164 5.19 -57.32 14.17
C LEU F 164 5.44 -56.42 15.38
N ASP F 165 5.29 -56.95 16.59
CA ASP F 165 5.55 -56.19 17.81
C ASP F 165 7.03 -55.84 17.95
N VAL F 166 7.91 -56.62 17.32
CA VAL F 166 9.33 -56.31 17.31
C VAL F 166 9.60 -55.11 16.40
N ILE F 167 8.85 -54.99 15.30
CA ILE F 167 9.13 -53.98 14.28
C ILE F 167 8.63 -52.60 14.71
N ARG F 168 7.50 -52.54 15.41
CA ARG F 168 6.95 -51.24 15.80
C ARG F 168 7.83 -50.50 16.79
N GLY F 169 8.66 -51.20 17.56
CA GLY F 169 9.52 -50.57 18.53
C GLY F 169 10.87 -50.08 18.04
N ALA F 170 11.15 -50.22 16.74
CA ALA F 170 12.44 -49.83 16.18
C ALA F 170 12.46 -48.35 15.80
N ARG F 171 13.65 -47.76 15.86
CA ARG F 171 13.80 -46.38 15.41
C ARG F 171 13.81 -46.27 13.89
N VAL F 172 14.35 -47.28 13.20
CA VAL F 172 14.29 -47.38 11.75
C VAL F 172 14.04 -48.84 11.37
N VAL F 173 13.53 -49.07 10.16
CA VAL F 173 13.30 -50.40 9.64
C VAL F 173 13.78 -50.45 8.19
N ILE F 174 14.28 -51.60 7.78
CA ILE F 174 14.66 -51.87 6.40
C ILE F 174 13.83 -53.04 5.90
N VAL F 175 13.22 -52.90 4.73
CA VAL F 175 12.41 -53.94 4.12
C VAL F 175 13.15 -54.44 2.88
N ILE F 176 13.28 -55.76 2.75
CA ILE F 176 14.11 -56.39 1.74
C ILE F 176 13.35 -57.55 1.12
N ALA F 177 13.15 -57.51 -0.20
CA ALA F 177 12.27 -58.45 -0.88
C ALA F 177 12.55 -58.44 -2.39
N GLY F 178 12.26 -59.57 -3.03
CA GLY F 178 12.54 -59.71 -4.45
C GLY F 178 11.33 -59.68 -5.36
N MET F 179 11.05 -60.81 -6.05
CA MET F 179 9.98 -60.85 -7.02
C MET F 179 8.64 -60.47 -6.41
N GLU F 180 8.46 -60.66 -5.11
CA GLU F 180 7.22 -60.26 -4.46
C GLU F 180 7.14 -58.74 -4.33
N GLY F 181 8.06 -58.16 -3.55
CA GLY F 181 8.21 -56.71 -3.45
C GLY F 181 7.09 -56.01 -2.70
N ALA F 182 5.93 -56.68 -2.60
CA ALA F 182 4.78 -56.12 -1.91
C ALA F 182 4.99 -56.01 -0.40
N LEU F 183 6.02 -56.66 0.15
CA LEU F 183 6.26 -56.56 1.58
C LEU F 183 6.66 -55.15 2.01
N ALA F 184 7.15 -54.32 1.10
CA ALA F 184 7.58 -52.97 1.49
C ALA F 184 6.39 -52.12 1.90
N SER F 185 5.32 -52.13 1.11
CA SER F 185 4.18 -51.24 1.36
C SER F 185 3.27 -51.77 2.47
N VAL F 186 3.16 -53.09 2.62
CA VAL F 186 2.41 -53.65 3.75
C VAL F 186 2.99 -53.14 5.06
N VAL F 187 4.32 -53.15 5.18
CA VAL F 187 4.99 -52.69 6.40
C VAL F 187 4.76 -51.19 6.62
N GLY F 188 4.97 -50.39 5.58
CA GLY F 188 4.90 -48.94 5.75
C GLY F 188 3.57 -48.46 6.28
N GLY F 189 2.51 -49.21 6.02
CA GLY F 189 1.19 -48.93 6.52
C GLY F 189 0.88 -49.51 7.87
N LEU F 190 1.86 -50.16 8.50
CA LEU F 190 1.72 -50.77 9.82
C LEU F 190 2.67 -50.19 10.87
N VAL F 191 3.63 -49.36 10.48
CA VAL F 191 4.51 -48.70 11.45
C VAL F 191 4.57 -47.22 11.13
N ASP F 192 4.68 -46.41 12.18
CA ASP F 192 4.74 -44.95 12.02
C ASP F 192 6.13 -44.45 12.40
N LYS F 193 7.17 -45.12 11.91
CA LYS F 193 8.55 -44.70 12.03
C LYS F 193 9.20 -44.80 10.66
N PRO F 194 10.29 -44.06 10.42
CA PRO F 194 10.91 -44.06 9.09
C PRO F 194 11.26 -45.46 8.62
N VAL F 195 11.07 -45.71 7.32
CA VAL F 195 11.37 -47.00 6.70
C VAL F 195 12.16 -46.75 5.42
N ILE F 196 13.23 -47.50 5.24
CA ILE F 196 14.07 -47.47 4.05
C ILE F 196 14.03 -48.85 3.40
N ALA F 197 13.73 -48.89 2.11
CA ALA F 197 13.37 -50.12 1.41
C ALA F 197 14.42 -50.51 0.38
N VAL F 198 14.75 -51.81 0.33
CA VAL F 198 15.82 -52.31 -0.52
C VAL F 198 15.28 -53.41 -1.47
N PRO F 199 15.30 -53.19 -2.77
CA PRO F 199 14.94 -54.26 -3.71
C PRO F 199 16.11 -55.19 -4.02
N THR F 200 15.79 -56.46 -4.25
CA THR F 200 16.82 -57.47 -4.47
C THR F 200 16.74 -58.01 -5.89
N SER F 201 17.89 -58.50 -6.37
CA SER F 201 18.09 -58.90 -7.77
C SER F 201 17.84 -60.39 -8.00
N VAL F 202 16.77 -60.92 -7.42
CA VAL F 202 16.40 -62.31 -7.61
C VAL F 202 14.94 -62.40 -8.02
N GLY F 203 14.58 -63.54 -8.63
CA GLY F 203 13.25 -63.82 -9.11
C GLY F 203 13.30 -64.63 -10.40
N TYR F 204 12.13 -64.77 -11.02
CA TYR F 204 11.98 -65.57 -12.24
C TYR F 204 12.34 -64.66 -13.42
N GLY F 205 11.89 -65.02 -14.61
CA GLY F 205 12.19 -64.22 -15.78
C GLY F 205 11.89 -62.74 -15.77
N THR F 206 10.60 -62.41 -15.65
CA THR F 206 10.11 -61.02 -15.69
C THR F 206 10.41 -60.25 -14.41
N SER F 207 11.11 -60.85 -13.43
CA SER F 207 11.61 -60.09 -12.28
C SER F 207 12.67 -59.08 -12.70
N PHE F 208 13.26 -59.26 -13.90
CA PHE F 208 14.13 -58.28 -14.52
C PHE F 208 15.36 -58.02 -13.66
N GLN F 209 15.93 -59.09 -13.11
CA GLN F 209 17.14 -59.02 -12.30
C GLN F 209 16.96 -58.04 -11.14
N GLY F 210 15.73 -57.93 -10.65
CA GLY F 210 15.40 -57.06 -9.54
C GLY F 210 14.67 -55.79 -9.92
N MET F 211 14.54 -55.49 -11.21
CA MET F 211 14.00 -54.20 -11.60
C MET F 211 12.52 -54.07 -11.22
N THR F 212 11.77 -55.17 -11.31
CA THR F 212 10.34 -55.11 -11.00
C THR F 212 10.14 -54.75 -9.54
N ALA F 213 10.91 -55.37 -8.64
CA ALA F 213 10.80 -55.07 -7.23
C ALA F 213 11.08 -53.59 -6.96
N LEU F 214 12.07 -53.03 -7.65
CA LEU F 214 12.44 -51.63 -7.42
C LEU F 214 11.25 -50.70 -7.63
N LEU F 215 10.59 -50.80 -8.78
CA LEU F 215 9.50 -49.86 -9.07
C LEU F 215 8.31 -50.09 -8.17
N THR F 216 8.06 -51.32 -7.74
CA THR F 216 6.98 -51.60 -6.81
C THR F 216 7.11 -50.76 -5.54
N MET F 217 8.34 -50.61 -5.04
CA MET F 217 8.58 -49.96 -3.75
C MET F 217 8.59 -48.44 -3.87
N LEU F 218 9.09 -47.92 -4.99
CA LEU F 218 8.93 -46.49 -5.27
C LEU F 218 7.49 -46.06 -5.13
N ASN F 219 6.56 -46.93 -5.49
CA ASN F 219 5.12 -46.65 -5.45
C ASN F 219 4.46 -47.19 -4.20
N SER F 220 5.10 -47.04 -3.04
CA SER F 220 4.45 -47.38 -1.78
C SER F 220 3.26 -46.46 -1.56
N CYS F 221 2.05 -47.02 -1.56
CA CYS F 221 0.88 -46.21 -1.22
C CYS F 221 0.86 -45.88 0.27
N ALA F 222 1.40 -46.75 1.11
CA ALA F 222 1.62 -46.39 2.50
C ALA F 222 2.86 -45.55 2.62
N SER F 223 2.72 -44.30 3.04
CA SER F 223 3.86 -43.40 3.08
C SER F 223 4.78 -43.73 4.27
N GLY F 224 5.90 -43.03 4.33
CA GLY F 224 6.94 -43.34 5.29
C GLY F 224 7.96 -44.31 4.77
N ILE F 225 7.98 -44.55 3.47
CA ILE F 225 8.88 -45.50 2.83
C ILE F 225 9.76 -44.74 1.86
N THR F 226 11.04 -45.10 1.84
CA THR F 226 11.98 -44.56 0.88
C THR F 226 12.89 -45.69 0.42
N VAL F 227 13.49 -45.54 -0.75
CA VAL F 227 14.07 -46.66 -1.49
C VAL F 227 15.53 -46.38 -1.83
N VAL F 228 16.35 -47.43 -1.82
CA VAL F 228 17.70 -47.39 -2.42
C VAL F 228 17.70 -48.25 -3.68
N ASN F 229 18.84 -48.27 -4.36
CA ASN F 229 18.96 -49.04 -5.59
C ASN F 229 19.08 -50.53 -5.27
N ILE F 230 19.19 -51.34 -6.32
CA ILE F 230 19.00 -52.78 -6.18
C ILE F 230 20.15 -53.39 -5.38
N ASP F 231 19.80 -54.31 -4.48
CA ASP F 231 20.74 -55.14 -3.72
C ASP F 231 21.51 -54.35 -2.65
N ASN F 232 21.46 -53.01 -2.73
CA ASN F 232 22.31 -52.14 -1.91
C ASN F 232 21.87 -52.16 -0.45
N GLY F 233 21.98 -53.34 0.18
CA GLY F 233 21.76 -53.42 1.60
C GLY F 233 22.58 -52.42 2.40
N PHE F 234 23.79 -52.11 1.92
CA PHE F 234 24.71 -51.26 2.67
C PHE F 234 24.25 -49.80 2.68
N GLY F 235 24.09 -49.20 1.50
CA GLY F 235 23.68 -47.80 1.40
C GLY F 235 22.35 -47.48 2.07
N ALA F 236 21.52 -48.49 2.30
CA ALA F 236 20.34 -48.28 3.13
C ALA F 236 20.67 -48.39 4.60
N ALA F 237 21.65 -49.23 4.95
CA ALA F 237 22.08 -49.33 6.34
C ALA F 237 22.89 -48.11 6.77
N TYR F 238 23.56 -47.44 5.82
CA TYR F 238 24.17 -46.16 6.13
C TYR F 238 23.11 -45.09 6.36
N SER F 239 22.12 -45.03 5.46
CA SER F 239 21.01 -44.10 5.64
C SER F 239 20.23 -44.42 6.92
N ALA F 240 20.05 -45.70 7.23
CA ALA F 240 19.45 -46.08 8.51
C ALA F 240 20.40 -45.84 9.69
N SER F 241 21.70 -45.69 9.45
CA SER F 241 22.58 -45.35 10.55
C SER F 241 22.43 -43.88 10.94
N MET F 242 22.51 -42.96 9.98
CA MET F 242 22.38 -41.55 10.30
C MET F 242 21.02 -41.24 10.94
N VAL F 243 19.95 -41.88 10.45
CA VAL F 243 18.61 -41.65 10.98
C VAL F 243 18.52 -42.06 12.44
N ASN F 244 19.10 -43.22 12.77
CA ASN F 244 19.03 -43.72 14.15
C ASN F 244 19.91 -42.89 15.08
N GLN F 245 21.02 -42.36 14.57
CA GLN F 245 22.01 -41.68 15.39
C GLN F 245 21.86 -40.17 15.26
N MET F 246 20.79 -39.66 15.88
CA MET F 246 20.52 -38.23 15.88
C MET F 246 19.42 -37.91 16.90
#